data_2RI9
#
_entry.id   2RI9
#
_cell.length_a   56.487
_cell.length_b   110.997
_cell.length_c   86.235
_cell.angle_alpha   90.00
_cell.angle_beta   99.17
_cell.angle_gamma   90.00
#
_symmetry.space_group_name_H-M   'P 1 21 1'
#
loop_
_entity.id
_entity.type
_entity.pdbx_description
1 polymer 'Mannosyl-oligosaccharide alpha-1,2-mannosidase'
2 branched 2-acetamido-2-deoxy-beta-D-glucopyranose-(1-4)-2-acetamido-2-deoxy-beta-D-glucopyranose
3 branched alpha-D-mannopyranose-(1-3)-[alpha-D-mannopyranose-(1-6)]alpha-D-mannopyranose-(1-4)-2-acetamido-2-deoxy-alpha-D-glucopyranose-(1-4)-2-acetamido-2-deoxy-beta-D-glucopyranose
4 branched 'alpha-D-lyxopyranose-(1-2)-methyl alpha-D-mannopyranoside'
5 branched 2-acetamido-2-deoxy-alpha-D-glucopyranose-(1-4)-2-acetamido-2-deoxy-beta-D-glucopyranose
6 non-polymer 'CALCIUM ION'
7 non-polymer GLYCEROL
8 water water
#
_entity_poly.entity_id   1
_entity_poly.type   'polypeptide(L)'
_entity_poly.pdbx_seq_one_letter_code
;SNQAKADAVKEAFQHAWNGYMKYAFPHDELTPVSNGHADSRNGWGASAVDALSTAVIMGKADVVNAILEHVADIDFSKTS
DTVSLFETTIRYLAGMLSGYDLLQGPAKNLVDNQDLIDGLLDQSRNLADVLKFAFDTPSGVPYNNINITSHGNDGATTNG
LAVTGTLVLEWTRLSDLTGDEEYAKLSQKAESYLLKPQPSSSEPFPGLVGSSININDGQFADSRVSWNGGDDSFYEYLIK
MYVYDPKRFETYKDRWVLAAESTIKHLKSHPKSRPDLTFLSSYSNRNYDLSSQHLTCFDGGSFLLGGTVLDRQDFIDFGL
ELVDGCEATYNSTLTKIGPDSWGWDPKKVPSDQKEFYEKAGFYISSGSYVLRPEVIESFYYAHRVTGKEIYRDWVWNAFV
AINSTCRTDSGFAAVSDVNKANGGSKYDNQESFLFAEVMKYSYLAHSEDAAWQVQKGGKNTFVYNTEAHPISVAR
;
_entity_poly.pdbx_strand_id   A,B
#
# COMPACT_ATOMS: atom_id res chain seq x y z
N SER A 1 -29.99 17.02 17.17
CA SER A 1 -29.09 16.58 16.06
C SER A 1 -27.68 16.32 16.56
N ASN A 2 -27.00 17.39 16.98
CA ASN A 2 -25.64 17.28 17.46
C ASN A 2 -25.45 16.45 18.75
N GLN A 3 -26.44 16.39 19.64
CA GLN A 3 -26.27 15.58 20.84
C GLN A 3 -26.30 14.11 20.46
N ALA A 4 -27.17 13.79 19.52
CA ALA A 4 -27.31 12.42 19.03
C ALA A 4 -26.07 11.98 18.26
N LYS A 5 -25.48 12.90 17.50
CA LYS A 5 -24.28 12.56 16.74
C LYS A 5 -23.13 12.34 17.73
N ALA A 6 -23.05 13.20 18.74
CA ALA A 6 -22.00 13.09 19.74
C ALA A 6 -22.11 11.73 20.45
N ASP A 7 -23.33 11.34 20.82
CA ASP A 7 -23.57 10.08 21.48
C ASP A 7 -23.20 8.90 20.58
N ALA A 8 -23.35 9.10 19.27
CA ALA A 8 -23.01 8.04 18.31
C ALA A 8 -21.49 7.85 18.23
N VAL A 9 -20.73 8.93 18.39
CA VAL A 9 -19.27 8.84 18.37
C VAL A 9 -18.84 8.14 19.68
N LYS A 10 -19.47 8.48 20.80
CA LYS A 10 -19.16 7.80 22.07
C LYS A 10 -19.44 6.29 21.93
N GLU A 11 -20.46 5.91 21.17
CA GLU A 11 -20.80 4.48 20.99
C GLU A 11 -19.75 3.72 20.19
N ALA A 12 -19.21 4.36 19.17
CA ALA A 12 -18.21 3.72 18.37
C ALA A 12 -16.90 3.66 19.21
N PHE A 13 -16.63 4.67 20.04
CA PHE A 13 -15.41 4.66 20.89
C PHE A 13 -15.54 3.51 21.92
N GLN A 14 -16.76 3.33 22.46
CA GLN A 14 -17.00 2.27 23.47
C GLN A 14 -16.86 0.90 22.85
N HIS A 15 -17.35 0.76 21.61
CA HIS A 15 -17.27 -0.49 20.84
C HIS A 15 -15.82 -0.99 20.75
N ALA A 16 -14.92 -0.10 20.33
CA ALA A 16 -13.51 -0.46 20.20
C ALA A 16 -12.82 -0.65 21.56
N TRP A 17 -13.23 0.13 22.56
CA TRP A 17 -12.64 -0.03 23.88
C TRP A 17 -13.00 -1.40 24.45
N ASN A 18 -14.26 -1.80 24.32
CA ASN A 18 -14.69 -3.13 24.80
C ASN A 18 -13.89 -4.26 24.15
N GLY A 19 -13.69 -4.17 22.83
CA GLY A 19 -12.93 -5.20 22.13
C GLY A 19 -11.47 -5.21 22.55
N TYR A 20 -10.88 -4.04 22.72
CA TYR A 20 -9.48 -3.94 23.14
C TYR A 20 -9.33 -4.53 24.55
N MET A 21 -10.25 -4.18 25.44
N MET A 21 -10.25 -4.18 25.44
CA MET A 21 -10.21 -4.68 26.80
CA MET A 21 -10.18 -4.70 26.81
C MET A 21 -10.39 -6.19 26.82
C MET A 21 -10.38 -6.20 26.82
N LYS A 22 -11.30 -6.67 25.98
CA LYS A 22 -11.64 -8.09 25.89
C LYS A 22 -10.57 -9.04 25.35
N TYR A 23 -9.86 -8.59 24.32
CA TYR A 23 -8.88 -9.43 23.64
C TYR A 23 -7.40 -9.03 23.72
N ALA A 24 -7.09 -7.81 24.12
CA ALA A 24 -5.69 -7.39 24.12
C ALA A 24 -5.11 -6.73 25.37
N PHE A 25 -5.90 -5.96 26.11
CA PHE A 25 -5.37 -5.26 27.28
C PHE A 25 -4.69 -6.27 28.22
N PRO A 26 -3.52 -5.92 28.78
CA PRO A 26 -2.74 -4.68 28.68
C PRO A 26 -1.67 -4.52 27.56
N HIS A 27 -1.72 -5.34 26.51
CA HIS A 27 -0.75 -5.20 25.40
C HIS A 27 -0.99 -3.85 24.73
N ASP A 28 -0.14 -3.43 23.79
CA ASP A 28 -0.31 -2.10 23.16
C ASP A 28 -1.56 -1.95 22.29
N GLU A 29 -1.84 -2.94 21.46
CA GLU A 29 -3.06 -2.84 20.68
C GLU A 29 -3.82 -4.11 20.32
N LEU A 30 -5.08 -3.91 19.95
CA LEU A 30 -5.99 -4.95 19.49
C LEU A 30 -5.65 -5.26 18.02
N THR A 31 -5.73 -6.53 17.61
CA THR A 31 -5.58 -6.91 16.18
C THR A 31 -7.09 -7.24 15.96
N PRO A 32 -7.80 -6.31 15.31
CA PRO A 32 -9.25 -6.34 15.01
C PRO A 32 -9.89 -7.37 14.14
N VAL A 33 -9.08 -8.07 13.33
CA VAL A 33 -9.61 -9.10 12.45
C VAL A 33 -9.48 -10.51 13.07
N SER A 34 -8.33 -10.82 13.67
CA SER A 34 -8.14 -12.11 14.34
C SER A 34 -8.58 -12.08 15.84
N ASN A 35 -8.99 -10.90 16.32
CA ASN A 35 -9.40 -10.70 17.73
C ASN A 35 -8.24 -11.15 18.64
N GLY A 36 -7.08 -10.52 18.46
CA GLY A 36 -5.91 -10.88 19.26
C GLY A 36 -5.13 -9.67 19.74
N HIS A 37 -3.82 -9.77 19.96
CA HIS A 37 -3.06 -8.61 20.46
C HIS A 37 -1.70 -8.39 19.80
N ALA A 38 -1.17 -7.18 19.91
CA ALA A 38 0.12 -6.87 19.32
C ALA A 38 0.79 -5.85 20.21
N ASP A 39 2.10 -5.67 20.06
CA ASP A 39 2.83 -4.70 20.87
C ASP A 39 3.81 -3.86 20.04
N SER A 40 3.27 -2.93 19.24
CA SER A 40 4.13 -2.12 18.38
C SER A 40 4.76 -0.91 19.06
N ARG A 41 4.42 -0.71 20.33
CA ARG A 41 4.92 0.43 21.08
C ARG A 41 5.56 0.08 22.44
N ASN A 42 6.48 -0.86 22.43
CA ASN A 42 7.23 -1.27 23.63
C ASN A 42 6.54 -2.01 24.78
N GLY A 43 5.26 -2.32 24.62
CA GLY A 43 4.53 -3.10 25.62
C GLY A 43 3.99 -2.41 26.85
N TRP A 44 3.95 -1.09 26.83
CA TRP A 44 3.50 -0.36 27.99
C TRP A 44 1.99 -0.10 27.97
N GLY A 45 1.29 -0.63 26.96
CA GLY A 45 -0.16 -0.43 26.87
C GLY A 45 -0.53 0.84 26.12
N ALA A 46 0.02 1.04 24.93
CA ALA A 46 -0.26 2.30 24.20
C ALA A 46 -1.75 2.61 23.99
N SER A 47 -2.55 1.64 23.55
CA SER A 47 -3.95 1.98 23.30
C SER A 47 -4.63 2.45 24.56
N ALA A 48 -4.24 1.91 25.72
CA ALA A 48 -4.85 2.39 26.96
C ALA A 48 -4.42 3.84 27.29
N VAL A 49 -3.12 4.14 27.17
CA VAL A 49 -2.65 5.48 27.50
C VAL A 49 -3.13 6.56 26.51
N ASP A 50 -3.23 6.21 25.22
CA ASP A 50 -3.67 7.16 24.19
C ASP A 50 -5.17 7.45 24.35
N ALA A 51 -5.91 6.52 24.94
CA ALA A 51 -7.36 6.68 25.09
C ALA A 51 -7.81 7.57 26.25
N LEU A 52 -6.90 7.85 27.19
CA LEU A 52 -7.23 8.63 28.38
C LEU A 52 -7.80 10.03 28.17
N SER A 53 -7.12 10.86 27.38
CA SER A 53 -7.60 12.23 27.18
C SER A 53 -8.97 12.21 26.53
N THR A 54 -9.19 11.31 25.57
CA THR A 54 -10.50 11.20 24.90
C THR A 54 -11.65 10.75 25.86
N ALA A 55 -11.37 9.74 26.69
CA ALA A 55 -12.34 9.25 27.65
C ALA A 55 -12.73 10.34 28.69
N VAL A 56 -11.75 11.11 29.15
CA VAL A 56 -12.01 12.21 30.10
C VAL A 56 -12.97 13.25 29.48
N ILE A 57 -12.65 13.64 28.26
CA ILE A 57 -13.45 14.61 27.52
C ILE A 57 -14.86 14.07 27.24
N MET A 58 -14.99 12.76 27.04
CA MET A 58 -16.30 12.18 26.79
C MET A 58 -17.05 11.87 28.10
N GLY A 59 -16.36 12.04 29.23
CA GLY A 59 -16.95 11.79 30.53
C GLY A 59 -17.17 10.34 30.93
N LYS A 60 -16.36 9.44 30.40
CA LYS A 60 -16.51 8.02 30.75
C LYS A 60 -15.60 7.68 31.93
N ALA A 61 -16.13 7.88 33.13
CA ALA A 61 -15.41 7.61 34.38
C ALA A 61 -14.84 6.19 34.54
N ASP A 62 -15.63 5.19 34.17
CA ASP A 62 -15.19 3.78 34.26
C ASP A 62 -13.92 3.57 33.43
N VAL A 63 -13.91 4.08 32.20
CA VAL A 63 -12.74 3.92 31.32
C VAL A 63 -11.56 4.72 31.90
N VAL A 64 -11.82 5.93 32.39
CA VAL A 64 -10.75 6.73 33.01
C VAL A 64 -10.07 6.01 34.20
N ASN A 65 -10.87 5.51 35.12
CA ASN A 65 -10.35 4.83 36.30
C ASN A 65 -9.52 3.59 35.92
N ALA A 66 -10.01 2.81 34.96
CA ALA A 66 -9.27 1.63 34.52
C ALA A 66 -7.89 2.01 33.99
N ILE A 67 -7.81 3.12 33.27
CA ILE A 67 -6.54 3.54 32.72
C ILE A 67 -5.62 4.10 33.81
N LEU A 68 -6.20 4.83 34.76
CA LEU A 68 -5.38 5.39 35.84
C LEU A 68 -4.73 4.27 36.66
N GLU A 69 -5.45 3.17 36.85
CA GLU A 69 -4.90 2.05 37.62
C GLU A 69 -3.78 1.40 36.81
N HIS A 70 -3.97 1.29 35.49
CA HIS A 70 -2.93 0.71 34.65
C HIS A 70 -1.63 1.55 34.69
N VAL A 71 -1.73 2.86 34.47
CA VAL A 71 -0.53 3.72 34.51
C VAL A 71 0.33 3.46 35.74
N ALA A 72 -0.30 3.31 36.90
CA ALA A 72 0.44 3.08 38.14
C ALA A 72 1.30 1.82 38.12
N ASP A 73 0.95 0.83 37.30
CA ASP A 73 1.78 -0.38 37.31
C ASP A 73 2.85 -0.43 36.21
N ILE A 74 2.88 0.58 35.33
CA ILE A 74 3.85 0.54 34.24
C ILE A 74 5.29 0.71 34.71
N ASP A 75 6.20 -0.05 34.12
CA ASP A 75 7.62 0.11 34.42
C ASP A 75 8.29 0.54 33.13
N PHE A 76 8.48 1.85 32.97
CA PHE A 76 9.08 2.38 31.74
C PHE A 76 10.57 2.11 31.58
N SER A 77 11.18 1.48 32.58
CA SER A 77 12.60 1.18 32.48
C SER A 77 12.83 -0.14 31.76
N LYS A 78 11.77 -0.90 31.51
CA LYS A 78 11.95 -2.17 30.82
C LYS A 78 11.11 -2.39 29.55
N THR A 79 11.73 -2.97 28.54
CA THR A 79 11.07 -3.30 27.29
C THR A 79 12.03 -4.19 26.47
N SER A 80 11.49 -5.06 25.63
CA SER A 80 12.34 -5.92 24.83
C SER A 80 12.63 -5.41 23.44
N ASP A 81 12.16 -4.20 23.11
CA ASP A 81 12.39 -3.63 21.78
C ASP A 81 13.06 -2.24 21.85
N THR A 82 13.63 -1.83 20.72
CA THR A 82 14.27 -0.53 20.57
C THR A 82 13.17 0.55 20.78
N VAL A 83 13.55 1.73 21.26
CA VAL A 83 12.59 2.80 21.56
C VAL A 83 12.68 4.07 20.69
N SER A 84 11.56 4.49 20.10
CA SER A 84 11.44 5.73 19.28
C SER A 84 11.23 6.94 20.22
N LEU A 85 12.18 7.87 20.28
CA LEU A 85 12.02 9.07 21.14
C LEU A 85 10.77 9.88 20.73
N PHE A 86 10.59 10.03 19.42
CA PHE A 86 9.43 10.74 18.86
C PHE A 86 8.11 10.08 19.21
N GLU A 87 7.91 8.82 18.82
CA GLU A 87 6.66 8.15 19.12
C GLU A 87 6.37 8.01 20.61
N THR A 88 7.40 7.75 21.40
CA THR A 88 7.21 7.60 22.84
C THR A 88 6.82 8.93 23.49
N THR A 89 7.39 10.01 22.98
CA THR A 89 7.06 11.36 23.48
C THR A 89 5.64 11.80 23.09
N ILE A 90 5.26 11.70 21.81
CA ILE A 90 3.91 12.17 21.41
C ILE A 90 2.72 11.34 21.85
N ARG A 91 2.91 10.03 22.08
CA ARG A 91 1.79 9.17 22.55
C ARG A 91 1.78 9.00 24.10
N TYR A 92 2.83 8.40 24.66
CA TYR A 92 2.87 8.18 26.13
C TYR A 92 3.09 9.42 27.01
N LEU A 93 4.15 10.20 26.75
CA LEU A 93 4.43 11.38 27.59
C LEU A 93 3.29 12.40 27.50
N ALA A 94 2.90 12.76 26.27
CA ALA A 94 1.80 13.74 26.09
C ALA A 94 0.46 13.20 26.60
N GLY A 95 0.24 11.90 26.44
CA GLY A 95 -1.03 11.32 26.89
C GLY A 95 -1.22 11.36 28.40
N MET A 96 -0.13 11.20 29.16
CA MET A 96 -0.22 11.22 30.63
C MET A 96 -0.34 12.68 31.12
N LEU A 97 0.44 13.59 30.51
CA LEU A 97 0.41 14.99 30.87
C LEU A 97 -0.94 15.62 30.55
N SER A 98 -1.50 15.26 29.40
CA SER A 98 -2.81 15.79 29.01
C SER A 98 -3.87 15.30 30.01
N GLY A 99 -3.81 14.03 30.36
CA GLY A 99 -4.78 13.52 31.31
C GLY A 99 -4.67 14.28 32.62
N TYR A 100 -3.44 14.53 33.07
CA TYR A 100 -3.21 15.27 34.31
C TYR A 100 -3.81 16.69 34.22
N ASP A 101 -3.49 17.44 33.16
CA ASP A 101 -4.02 18.79 33.02
C ASP A 101 -5.53 18.81 32.95
N LEU A 102 -6.15 17.86 32.25
CA LEU A 102 -7.60 17.80 32.15
C LEU A 102 -8.29 17.41 33.47
N LEU A 103 -7.69 16.48 34.22
CA LEU A 103 -8.29 16.05 35.49
C LEU A 103 -7.95 16.98 36.68
N GLN A 104 -7.00 17.88 36.46
CA GLN A 104 -6.58 18.83 37.49
C GLN A 104 -7.28 20.15 37.19
N GLY A 105 -7.90 20.24 36.02
CA GLY A 105 -8.57 21.46 35.63
C GLY A 105 -10.04 21.35 35.29
N PRO A 106 -10.42 21.46 34.00
CA PRO A 106 -11.81 21.37 33.56
C PRO A 106 -12.61 20.14 33.91
N ALA A 107 -11.94 19.02 34.24
CA ALA A 107 -12.65 17.81 34.60
C ALA A 107 -12.28 17.30 35.99
N LYS A 108 -12.06 18.22 36.94
CA LYS A 108 -11.69 17.88 38.31
C LYS A 108 -12.73 17.09 39.12
N ASN A 109 -13.98 17.08 38.67
CA ASN A 109 -15.02 16.36 39.40
C ASN A 109 -15.52 15.09 38.71
N LEU A 110 -14.73 14.51 37.81
CA LEU A 110 -15.15 13.28 37.12
C LEU A 110 -14.82 12.01 37.92
N VAL A 111 -13.68 12.00 38.61
CA VAL A 111 -13.27 10.84 39.41
C VAL A 111 -12.59 11.24 40.72
N ASP A 112 -12.61 10.30 41.68
CA ASP A 112 -11.96 10.49 42.97
C ASP A 112 -10.81 9.50 43.00
N ASN A 113 -9.62 9.97 42.71
CA ASN A 113 -8.45 9.13 42.69
C ASN A 113 -7.33 10.15 42.56
N GLN A 114 -7.24 11.04 43.55
CA GLN A 114 -6.24 12.09 43.50
C GLN A 114 -4.83 11.54 43.48
N ASP A 115 -4.62 10.44 44.21
CA ASP A 115 -3.30 9.82 44.25
C ASP A 115 -2.94 9.23 42.87
N LEU A 116 -3.93 8.70 42.16
CA LEU A 116 -3.68 8.14 40.82
C LEU A 116 -3.48 9.27 39.80
N ILE A 117 -4.14 10.39 40.03
CA ILE A 117 -3.99 11.55 39.14
C ILE A 117 -2.56 12.06 39.34
N ASP A 118 -2.20 12.26 40.60
CA ASP A 118 -0.88 12.73 40.92
C ASP A 118 0.19 11.85 40.32
N GLY A 119 -0.11 10.56 40.25
CA GLY A 119 0.85 9.63 39.68
C GLY A 119 1.03 9.77 38.17
N LEU A 120 0.15 10.53 37.51
CA LEU A 120 0.29 10.74 36.06
C LEU A 120 1.52 11.63 35.84
N LEU A 121 1.74 12.60 36.73
CA LEU A 121 2.93 13.45 36.59
C LEU A 121 4.15 12.66 37.05
N ASP A 122 4.00 11.86 38.09
CA ASP A 122 5.14 11.08 38.58
C ASP A 122 5.68 10.17 37.46
N GLN A 123 4.79 9.46 36.78
CA GLN A 123 5.22 8.58 35.71
C GLN A 123 5.74 9.34 34.46
N SER A 124 5.29 10.57 34.26
CA SER A 124 5.78 11.35 33.13
C SER A 124 7.24 11.72 33.39
N ARG A 125 7.51 12.08 34.64
CA ARG A 125 8.86 12.42 35.06
C ARG A 125 9.74 11.18 34.90
N ASN A 126 9.23 10.04 35.37
CA ASN A 126 9.96 8.78 35.28
C ASN A 126 10.34 8.42 33.85
N LEU A 127 9.38 8.56 32.93
CA LEU A 127 9.58 8.26 31.50
C LEU A 127 10.67 9.14 30.85
N ALA A 128 10.63 10.45 31.10
CA ALA A 128 11.64 11.36 30.54
C ALA A 128 13.05 11.05 31.09
N ASP A 129 13.15 10.69 32.38
CA ASP A 129 14.46 10.37 32.96
C ASP A 129 15.04 9.12 32.27
N VAL A 130 14.18 8.18 31.88
CA VAL A 130 14.71 7.01 31.18
C VAL A 130 15.11 7.34 29.72
N LEU A 131 14.46 8.32 29.10
CA LEU A 131 14.74 8.67 27.70
C LEU A 131 15.82 9.74 27.43
N LYS A 132 16.02 10.66 28.38
CA LYS A 132 16.92 11.80 28.21
C LYS A 132 18.36 11.65 27.73
N PHE A 133 18.92 10.46 27.90
CA PHE A 133 20.29 10.23 27.44
C PHE A 133 20.34 10.38 25.93
N ALA A 134 19.17 10.30 25.27
CA ALA A 134 19.14 10.39 23.81
C ALA A 134 19.67 11.75 23.34
N PHE A 135 19.49 12.78 24.16
CA PHE A 135 19.94 14.15 23.87
C PHE A 135 21.43 14.42 24.20
N ASP A 136 22.07 13.50 24.92
CA ASP A 136 23.49 13.68 25.31
C ASP A 136 24.43 13.41 24.14
N THR A 137 24.39 14.28 23.12
CA THR A 137 25.20 14.16 21.91
C THR A 137 26.08 15.44 21.75
N PRO A 138 27.02 15.45 20.79
CA PRO A 138 27.87 16.65 20.60
C PRO A 138 27.08 17.94 20.40
N SER A 139 26.15 17.92 19.44
CA SER A 139 25.34 19.10 19.13
C SER A 139 24.17 19.30 20.07
N GLY A 140 23.57 18.19 20.49
CA GLY A 140 22.39 18.31 21.35
C GLY A 140 21.21 17.77 20.56
N VAL A 141 21.41 17.55 19.25
CA VAL A 141 20.40 16.97 18.39
C VAL A 141 20.45 15.46 18.73
N PRO A 142 19.33 14.89 19.18
CA PRO A 142 19.25 13.48 19.56
C PRO A 142 19.24 12.39 18.49
N TYR A 143 19.43 11.16 18.98
CA TYR A 143 19.38 9.93 18.21
C TYR A 143 17.91 9.53 18.45
N ASN A 144 17.12 9.39 17.39
CA ASN A 144 15.71 9.04 17.61
C ASN A 144 15.49 7.57 18.05
N ASN A 145 16.31 6.67 17.53
CA ASN A 145 16.20 5.25 17.84
C ASN A 145 17.25 4.76 18.83
N ILE A 146 16.82 4.49 20.06
CA ILE A 146 17.72 4.10 21.13
C ILE A 146 17.39 2.80 21.88
N ASN A 147 18.40 2.24 22.56
CA ASN A 147 18.23 1.04 23.37
C ASN A 147 18.28 1.58 24.80
N ILE A 148 17.15 1.60 25.51
CA ILE A 148 17.14 2.18 26.87
C ILE A 148 17.86 1.35 27.96
N THR A 149 18.32 0.16 27.59
CA THR A 149 19.05 -0.68 28.55
C THR A 149 20.55 -0.43 28.37
N SER A 150 21.07 -0.61 27.16
CA SER A 150 22.48 -0.34 26.90
C SER A 150 22.85 1.17 26.77
N HIS A 151 21.94 1.96 26.19
CA HIS A 151 22.11 3.41 25.95
C HIS A 151 22.70 3.60 24.57
N GLY A 152 22.70 2.51 23.81
CA GLY A 152 23.20 2.53 22.45
C GLY A 152 22.14 2.99 21.46
N ASN A 153 22.49 3.05 20.18
CA ASN A 153 21.55 3.50 19.15
C ASN A 153 21.73 2.70 17.88
N ASP A 154 21.09 3.14 16.80
CA ASP A 154 21.17 2.46 15.51
C ASP A 154 22.34 2.88 14.61
N GLY A 155 23.19 3.78 15.08
CA GLY A 155 24.33 4.19 14.27
C GLY A 155 24.09 5.30 13.26
N ALA A 156 22.92 5.95 13.31
CA ALA A 156 22.63 7.05 12.37
C ALA A 156 23.54 8.26 12.59
N THR A 157 23.81 9.01 11.52
CA THR A 157 24.64 10.20 11.64
C THR A 157 23.76 11.47 11.61
N THR A 158 22.52 11.34 11.12
CA THR A 158 21.57 12.45 11.09
C THR A 158 20.23 12.04 11.71
N ASN A 159 19.49 13.04 12.20
CA ASN A 159 18.15 12.85 12.80
C ASN A 159 17.14 13.62 11.91
N GLY A 160 15.94 13.06 11.70
CA GLY A 160 14.96 13.72 10.84
C GLY A 160 14.40 15.04 11.36
N LEU A 161 13.88 15.86 10.47
CA LEU A 161 13.32 17.16 10.83
C LEU A 161 12.12 17.06 11.80
N ALA A 162 11.09 16.29 11.42
CA ALA A 162 9.95 16.16 12.31
C ALA A 162 10.31 15.46 13.66
N VAL A 163 11.09 14.39 13.59
CA VAL A 163 11.42 13.69 14.83
C VAL A 163 12.30 14.53 15.73
N THR A 164 12.97 15.52 15.16
CA THR A 164 13.79 16.43 15.96
C THR A 164 12.96 17.64 16.47
N GLY A 165 12.01 18.11 15.66
CA GLY A 165 11.23 19.29 16.01
C GLY A 165 9.83 19.10 16.59
N THR A 166 9.51 17.89 17.01
CA THR A 166 8.16 17.65 17.55
C THR A 166 8.26 17.07 18.96
N LEU A 167 9.08 17.71 19.81
CA LEU A 167 9.31 17.27 21.19
C LEU A 167 9.20 18.41 22.19
N VAL A 168 9.55 19.63 21.75
CA VAL A 168 9.54 20.79 22.64
C VAL A 168 8.27 21.09 23.44
N LEU A 169 7.08 20.75 22.90
CA LEU A 169 5.84 21.03 23.63
C LEU A 169 5.72 20.13 24.88
N GLU A 170 5.86 18.83 24.67
CA GLU A 170 5.79 17.86 25.76
C GLU A 170 6.93 18.01 26.80
N TRP A 171 8.17 18.08 26.34
CA TRP A 171 9.30 18.19 27.26
C TRP A 171 9.28 19.53 28.01
N THR A 172 8.87 20.63 27.35
CA THR A 172 8.79 21.92 28.05
C THR A 172 7.64 21.88 29.06
N ARG A 173 6.49 21.32 28.69
CA ARG A 173 5.37 21.25 29.64
C ARG A 173 5.80 20.50 30.91
N LEU A 174 6.64 19.48 30.76
CA LEU A 174 7.13 18.69 31.91
C LEU A 174 7.97 19.54 32.90
N SER A 175 8.78 20.44 32.36
CA SER A 175 9.59 21.34 33.21
C SER A 175 8.70 22.32 33.94
N ASP A 176 7.75 22.91 33.22
CA ASP A 176 6.84 23.88 33.83
C ASP A 176 6.05 23.24 34.99
N LEU A 177 5.66 21.98 34.84
CA LEU A 177 4.90 21.29 35.89
C LEU A 177 5.78 20.82 37.05
N THR A 178 6.98 20.31 36.76
CA THR A 178 7.87 19.80 37.81
C THR A 178 8.69 20.89 38.48
N GLY A 179 9.33 21.73 37.68
CA GLY A 179 10.15 22.79 38.24
C GLY A 179 11.59 22.54 37.84
N ASP A 180 11.84 21.35 37.30
CA ASP A 180 13.15 20.95 36.83
C ASP A 180 13.27 21.41 35.37
N GLU A 181 14.06 22.45 35.14
CA GLU A 181 14.23 22.99 33.78
C GLU A 181 15.06 22.15 32.85
N GLU A 182 15.54 21.00 33.30
CA GLU A 182 16.38 20.18 32.44
C GLU A 182 15.71 19.74 31.13
N TYR A 183 14.45 19.32 31.24
CA TYR A 183 13.65 18.83 30.11
C TYR A 183 13.48 19.91 29.04
N ALA A 184 13.10 21.12 29.44
CA ALA A 184 12.96 22.23 28.51
C ALA A 184 14.32 22.59 27.88
N LYS A 185 15.38 22.56 28.69
CA LYS A 185 16.69 22.90 28.15
C LYS A 185 17.14 21.97 27.06
N LEU A 186 16.98 20.67 27.29
CA LEU A 186 17.39 19.69 26.31
C LEU A 186 16.62 19.82 25.00
N SER A 187 15.30 19.85 25.10
CA SER A 187 14.48 19.94 23.90
C SER A 187 14.62 21.26 23.16
N GLN A 188 14.80 22.35 23.88
CA GLN A 188 14.96 23.65 23.23
C GLN A 188 16.33 23.80 22.57
N LYS A 189 17.34 23.11 23.11
CA LYS A 189 18.68 23.15 22.53
C LYS A 189 18.64 22.44 21.18
N ALA A 190 17.90 21.33 21.10
CA ALA A 190 17.78 20.60 19.83
C ALA A 190 17.02 21.48 18.83
N GLU A 191 15.96 22.14 19.29
CA GLU A 191 15.13 22.99 18.42
C GLU A 191 15.88 24.20 17.85
N SER A 192 16.86 24.70 18.62
CA SER A 192 17.64 25.87 18.21
C SER A 192 18.25 25.82 16.81
N TYR A 193 18.79 24.67 16.43
CA TYR A 193 19.41 24.49 15.12
C TYR A 193 18.40 24.59 13.97
N LEU A 194 17.11 24.37 14.27
CA LEU A 194 16.05 24.41 13.24
C LEU A 194 15.52 25.83 13.02
N LEU A 195 15.63 26.67 14.05
CA LEU A 195 15.17 28.06 14.00
C LEU A 195 16.18 29.00 13.36
N LYS A 196 17.43 28.57 13.30
CA LYS A 196 18.51 29.36 12.69
C LYS A 196 19.28 28.33 11.88
N PRO A 197 18.70 27.91 10.75
CA PRO A 197 19.27 26.93 9.86
C PRO A 197 20.58 27.30 9.14
N GLN A 198 21.49 26.33 9.10
CA GLN A 198 22.79 26.48 8.45
C GLN A 198 23.15 25.14 7.81
N PRO A 199 23.82 25.17 6.64
CA PRO A 199 24.26 26.35 5.88
C PRO A 199 23.00 26.97 5.27
N SER A 200 23.13 28.17 4.71
CA SER A 200 21.98 28.84 4.09
C SER A 200 21.41 28.05 2.90
N SER A 201 22.24 27.22 2.26
CA SER A 201 21.74 26.44 1.12
C SER A 201 20.70 25.40 1.59
N SER A 202 20.64 25.17 2.90
CA SER A 202 19.66 24.23 3.44
C SER A 202 18.30 24.87 3.64
N GLU A 203 18.21 26.20 3.48
CA GLU A 203 16.95 26.95 3.63
C GLU A 203 16.70 27.65 2.27
N PRO A 204 16.22 26.89 1.26
CA PRO A 204 15.90 27.32 -0.12
C PRO A 204 14.94 28.52 -0.24
N PHE A 205 13.94 28.57 0.65
CA PHE A 205 12.97 29.68 0.70
C PHE A 205 12.93 30.05 2.18
N PRO A 206 12.60 31.30 2.50
CA PRO A 206 12.54 31.71 3.91
C PRO A 206 11.66 30.83 4.79
N GLY A 207 12.22 30.35 5.91
CA GLY A 207 11.44 29.49 6.82
C GLY A 207 11.22 28.02 6.43
N LEU A 208 11.53 27.65 5.18
CA LEU A 208 11.36 26.27 4.71
C LEU A 208 12.77 25.62 4.71
N VAL A 209 12.95 24.56 5.47
CA VAL A 209 14.27 23.94 5.62
C VAL A 209 14.42 22.48 5.18
N GLY A 210 15.68 22.00 5.19
CA GLY A 210 15.97 20.64 4.78
C GLY A 210 15.39 19.55 5.66
N SER A 211 15.46 18.30 5.22
CA SER A 211 14.86 17.18 5.95
C SER A 211 15.67 16.35 6.94
N SER A 212 16.96 16.63 7.09
CA SER A 212 17.83 15.87 7.99
C SER A 212 18.87 16.78 8.60
N ILE A 213 19.21 16.52 9.86
CA ILE A 213 20.18 17.34 10.59
C ILE A 213 21.33 16.47 11.16
N ASN A 214 22.59 16.82 10.86
CA ASN A 214 23.75 16.05 11.36
C ASN A 214 23.78 16.08 12.89
N ILE A 215 23.89 14.92 13.52
CA ILE A 215 23.89 14.83 14.98
C ILE A 215 25.16 15.38 15.65
N ASN A 216 26.30 15.32 14.96
CA ASN A 216 27.53 15.82 15.56
C ASN A 216 27.65 17.34 15.64
N ASP A 217 27.20 18.07 14.60
CA ASP A 217 27.32 19.54 14.65
C ASP A 217 26.08 20.43 14.48
N GLY A 218 24.90 19.86 14.20
CA GLY A 218 23.69 20.69 14.09
C GLY A 218 23.42 21.32 12.73
N GLN A 219 24.26 21.00 11.74
CA GLN A 219 24.10 21.51 10.39
C GLN A 219 23.16 20.58 9.62
N PHE A 220 22.33 21.13 8.74
CA PHE A 220 21.42 20.32 7.91
C PHE A 220 22.22 19.55 6.88
N ALA A 221 21.76 18.35 6.53
CA ALA A 221 22.45 17.51 5.54
C ALA A 221 21.85 17.49 4.14
N ASP A 222 20.69 18.12 3.95
CA ASP A 222 20.12 18.17 2.60
C ASP A 222 19.26 19.42 2.44
N SER A 223 18.73 19.63 1.24
CA SER A 223 17.92 20.81 0.98
C SER A 223 16.52 20.46 0.45
N ARG A 224 16.03 19.28 0.81
CA ARG A 224 14.69 18.85 0.36
C ARG A 224 13.64 19.45 1.28
N VAL A 225 12.65 20.09 0.67
CA VAL A 225 11.59 20.77 1.43
C VAL A 225 10.24 20.12 1.14
N SER A 226 9.44 19.96 2.20
CA SER A 226 8.09 19.42 2.08
C SER A 226 7.36 19.48 3.41
N TRP A 227 6.04 19.31 3.34
CA TRP A 227 5.21 19.26 4.54
C TRP A 227 4.73 17.80 4.71
N ASN A 228 5.39 16.87 4.03
CA ASN A 228 5.01 15.45 4.11
C ASN A 228 5.59 14.76 5.35
N GLY A 229 5.32 13.45 5.45
CA GLY A 229 5.84 12.64 6.55
C GLY A 229 7.35 12.76 6.64
N GLY A 230 7.86 12.90 7.86
CA GLY A 230 9.31 13.08 8.04
C GLY A 230 9.61 14.57 8.31
N ASP A 231 8.72 15.45 7.84
CA ASP A 231 8.88 16.91 7.98
C ASP A 231 7.75 17.60 8.73
N ASP A 232 6.54 17.32 8.26
CA ASP A 232 5.28 17.88 8.81
C ASP A 232 5.21 18.54 10.18
N SER A 233 5.14 17.74 11.25
CA SER A 233 4.99 18.31 12.58
C SER A 233 6.03 19.35 13.07
N PHE A 234 7.16 19.51 12.41
CA PHE A 234 8.09 20.56 12.87
C PHE A 234 7.38 21.92 12.67
N TYR A 235 6.77 22.12 11.50
CA TYR A 235 6.03 23.36 11.19
C TYR A 235 4.78 23.52 12.06
N GLU A 236 4.12 22.40 12.33
CA GLU A 236 2.92 22.36 13.19
C GLU A 236 3.27 22.94 14.59
N TYR A 237 4.38 22.48 15.18
CA TYR A 237 4.78 22.93 16.51
C TYR A 237 5.32 24.35 16.65
N LEU A 238 5.73 24.99 15.54
CA LEU A 238 6.24 26.36 15.60
C LEU A 238 5.14 27.29 16.11
N ILE A 239 3.97 27.26 15.47
CA ILE A 239 2.85 28.11 15.87
C ILE A 239 2.21 27.65 17.18
N LYS A 240 2.14 26.33 17.39
CA LYS A 240 1.58 25.82 18.64
C LYS A 240 2.40 26.24 19.89
N MET A 241 3.72 26.38 19.75
CA MET A 241 4.54 26.79 20.89
C MET A 241 4.22 28.26 21.26
N TYR A 242 3.82 29.05 20.26
CA TYR A 242 3.42 30.45 20.46
C TYR A 242 2.10 30.46 21.25
N VAL A 243 1.17 29.57 20.90
CA VAL A 243 -0.09 29.50 21.63
C VAL A 243 0.15 29.03 23.07
N TYR A 244 1.15 28.18 23.28
CA TYR A 244 1.47 27.68 24.63
C TYR A 244 1.91 28.82 25.56
N ASP A 245 2.79 29.69 25.06
CA ASP A 245 3.29 30.84 25.81
C ASP A 245 3.82 31.87 24.79
N PRO A 246 3.00 32.87 24.42
CA PRO A 246 3.46 33.87 23.44
C PRO A 246 4.62 34.76 23.87
N LYS A 247 4.84 34.90 25.18
CA LYS A 247 5.96 35.69 25.68
C LYS A 247 7.25 34.97 25.33
N ARG A 248 7.41 33.76 25.88
CA ARG A 248 8.60 32.94 25.64
C ARG A 248 8.89 32.46 24.23
N PHE A 249 7.85 32.22 23.43
CA PHE A 249 8.09 31.68 22.08
C PHE A 249 7.67 32.57 20.89
N GLU A 250 7.83 33.89 21.05
CA GLU A 250 7.52 34.83 19.97
C GLU A 250 8.40 34.51 18.76
N THR A 251 9.65 34.12 19.03
CA THR A 251 10.61 33.76 17.99
C THR A 251 10.12 32.57 17.13
N TYR A 252 9.50 31.58 17.77
CA TYR A 252 8.97 30.40 17.03
C TYR A 252 7.89 30.90 16.06
N LYS A 253 7.04 31.81 16.53
CA LYS A 253 5.95 32.37 15.71
C LYS A 253 6.49 33.08 14.50
N ASP A 254 7.55 33.87 14.69
CA ASP A 254 8.12 34.60 13.55
C ASP A 254 8.60 33.61 12.49
N ARG A 255 9.26 32.53 12.90
CA ARG A 255 9.74 31.50 11.96
C ARG A 255 8.62 30.76 11.23
N TRP A 256 7.48 30.56 11.90
CA TRP A 256 6.32 29.93 11.26
C TRP A 256 5.75 30.85 10.16
N VAL A 257 5.70 32.15 10.45
CA VAL A 257 5.12 33.11 9.49
C VAL A 257 5.91 33.07 8.20
N LEU A 258 7.24 33.07 8.30
CA LEU A 258 8.07 32.99 7.10
C LEU A 258 7.74 31.67 6.37
N ALA A 259 7.60 30.57 7.12
CA ALA A 259 7.29 29.27 6.47
C ALA A 259 5.93 29.35 5.76
N ALA A 260 4.92 29.93 6.43
CA ALA A 260 3.58 30.00 5.83
C ALA A 260 3.57 30.81 4.52
N GLU A 261 4.22 31.98 4.53
CA GLU A 261 4.29 32.83 3.33
C GLU A 261 5.06 32.13 2.20
N SER A 262 6.22 31.57 2.50
CA SER A 262 6.96 30.86 1.45
C SER A 262 6.13 29.68 0.87
N THR A 263 5.40 28.96 1.74
CA THR A 263 4.58 27.82 1.28
C THR A 263 3.48 28.30 0.31
N ILE A 264 2.82 29.41 0.64
CA ILE A 264 1.77 29.95 -0.24
C ILE A 264 2.38 30.39 -1.57
N LYS A 265 3.57 30.96 -1.52
CA LYS A 265 4.22 31.43 -2.74
C LYS A 265 4.86 30.37 -3.64
N HIS A 266 5.46 29.33 -3.06
CA HIS A 266 6.16 28.32 -3.86
C HIS A 266 5.65 26.87 -3.91
N LEU A 267 5.11 26.35 -2.80
CA LEU A 267 4.62 24.97 -2.78
C LEU A 267 3.16 24.77 -3.22
N LYS A 268 2.34 25.82 -3.16
CA LYS A 268 0.94 25.74 -3.61
C LYS A 268 0.93 25.20 -5.03
N SER A 269 -0.02 24.33 -5.33
CA SER A 269 -0.10 23.71 -6.66
C SER A 269 -1.54 23.37 -7.04
N HIS A 270 -1.91 23.65 -8.29
CA HIS A 270 -3.25 23.36 -8.84
C HIS A 270 -3.17 22.32 -9.96
N PRO A 271 -3.91 21.20 -9.84
CA PRO A 271 -3.91 20.14 -10.87
C PRO A 271 -4.36 20.71 -12.24
N LYS A 272 -3.69 20.32 -13.32
CA LYS A 272 -4.07 20.81 -14.64
C LYS A 272 -5.54 20.53 -15.02
N SER A 273 -6.04 19.33 -14.72
CA SER A 273 -7.44 19.00 -15.03
C SER A 273 -8.47 19.68 -14.13
N ARG A 274 -8.07 20.08 -12.93
CA ARG A 274 -8.99 20.73 -12.00
C ARG A 274 -8.26 21.90 -11.33
N PRO A 275 -8.21 23.05 -12.02
CA PRO A 275 -7.55 24.28 -11.56
C PRO A 275 -8.18 24.88 -10.30
N ASP A 276 -9.40 24.46 -9.97
CA ASP A 276 -10.04 25.00 -8.79
C ASP A 276 -9.65 24.25 -7.50
N LEU A 277 -8.75 23.26 -7.63
CA LEU A 277 -8.25 22.50 -6.48
C LEU A 277 -6.81 22.95 -6.13
N THR A 278 -6.45 22.86 -4.85
CA THR A 278 -5.14 23.23 -4.34
C THR A 278 -4.58 22.13 -3.41
N PHE A 279 -3.33 21.73 -3.64
CA PHE A 279 -2.59 20.75 -2.83
C PHE A 279 -1.19 21.35 -2.65
N LEU A 280 -0.37 20.79 -1.76
CA LEU A 280 0.98 21.29 -1.59
C LEU A 280 1.91 20.29 -2.29
N SER A 281 2.94 20.80 -2.97
CA SER A 281 3.96 19.98 -3.65
C SER A 281 5.22 19.99 -2.77
N SER A 282 6.20 19.18 -3.14
CA SER A 282 7.47 19.15 -2.42
C SER A 282 8.51 19.82 -3.36
N TYR A 283 9.70 20.15 -2.84
CA TYR A 283 10.73 20.83 -3.67
C TYR A 283 12.16 20.36 -3.37
N SER A 284 12.93 20.11 -4.43
CA SER A 284 14.30 19.67 -4.28
C SER A 284 15.16 20.24 -5.41
N ASN A 285 16.08 21.12 -5.05
CA ASN A 285 17.00 21.73 -6.01
C ASN A 285 16.31 22.15 -7.30
N ARG A 286 15.35 23.06 -7.16
CA ARG A 286 14.60 23.64 -8.27
C ARG A 286 13.53 22.80 -8.95
N ASN A 287 13.36 21.54 -8.54
CA ASN A 287 12.33 20.70 -9.13
C ASN A 287 11.13 20.48 -8.19
N TYR A 288 9.93 20.56 -8.74
CA TYR A 288 8.73 20.35 -7.93
C TYR A 288 8.10 18.98 -8.13
N ASP A 289 7.89 18.25 -7.03
CA ASP A 289 7.29 16.92 -7.07
C ASP A 289 5.80 17.08 -6.83
N LEU A 290 5.01 16.77 -7.85
CA LEU A 290 3.57 16.94 -7.79
C LEU A 290 2.75 15.78 -7.18
N SER A 291 2.98 15.50 -5.90
CA SER A 291 2.21 14.44 -5.20
C SER A 291 2.15 14.79 -3.71
N SER A 292 1.18 14.18 -3.00
CA SER A 292 1.04 14.43 -1.54
C SER A 292 0.56 13.16 -0.76
N GLN A 293 0.39 13.31 0.56
CA GLN A 293 -0.04 12.18 1.40
C GLN A 293 -1.20 12.57 2.33
N HIS A 294 -1.90 11.57 2.86
CA HIS A 294 -3.01 11.86 3.76
C HIS A 294 -2.38 12.61 4.95
N LEU A 295 -1.17 12.19 5.37
CA LEU A 295 -0.41 12.83 6.46
C LEU A 295 -0.31 14.35 6.31
N THR A 296 -0.09 14.78 5.07
CA THR A 296 0.06 16.22 4.78
C THR A 296 -1.19 17.07 5.06
N CYS A 297 -2.38 16.46 5.06
CA CYS A 297 -3.60 17.22 5.26
C CYS A 297 -3.79 17.89 6.63
N PHE A 298 -2.81 17.75 7.53
CA PHE A 298 -2.86 18.47 8.81
C PHE A 298 -2.61 19.94 8.44
N ASP A 299 -2.09 20.14 7.23
CA ASP A 299 -1.74 21.49 6.77
C ASP A 299 -2.83 22.58 6.83
N GLY A 300 -4.04 22.27 6.35
CA GLY A 300 -5.12 23.25 6.44
C GLY A 300 -5.36 23.69 7.89
N GLY A 301 -5.36 22.75 8.83
CA GLY A 301 -5.55 23.06 10.25
C GLY A 301 -4.48 24.01 10.84
N SER A 302 -3.23 23.82 10.46
CA SER A 302 -2.14 24.70 10.93
C SER A 302 -2.39 26.15 10.41
N PHE A 303 -2.63 26.30 9.10
CA PHE A 303 -2.88 27.64 8.54
C PHE A 303 -4.10 28.32 9.19
N LEU A 304 -5.09 27.52 9.55
CA LEU A 304 -6.29 28.05 10.20
C LEU A 304 -5.97 28.49 11.64
N LEU A 305 -5.18 27.70 12.37
CA LEU A 305 -4.81 28.07 13.75
C LEU A 305 -3.94 29.35 13.76
N GLY A 306 -2.91 29.37 12.94
CA GLY A 306 -2.04 30.55 12.86
C GLY A 306 -2.82 31.78 12.37
N GLY A 307 -3.69 31.56 11.37
CA GLY A 307 -4.52 32.64 10.83
C GLY A 307 -5.46 33.27 11.87
N THR A 308 -6.20 32.45 12.61
CA THR A 308 -7.08 33.05 13.61
C THR A 308 -6.34 33.67 14.79
N VAL A 309 -5.22 33.05 15.22
CA VAL A 309 -4.47 33.59 16.35
C VAL A 309 -3.79 34.92 15.99
N LEU A 310 -3.31 35.05 14.75
CA LEU A 310 -2.63 36.27 14.32
C LEU A 310 -3.53 37.26 13.54
N ASP A 311 -4.82 36.97 13.46
CA ASP A 311 -5.78 37.78 12.71
C ASP A 311 -5.23 38.07 11.31
N ARG A 312 -4.85 37.00 10.62
CA ARG A 312 -4.32 37.09 9.25
C ARG A 312 -5.34 36.39 8.35
N GLN A 313 -6.22 37.14 7.67
CA GLN A 313 -7.25 36.53 6.82
C GLN A 313 -6.71 35.74 5.64
N ASP A 314 -5.58 36.16 5.08
CA ASP A 314 -4.96 35.46 3.97
C ASP A 314 -4.51 34.01 4.36
N PHE A 315 -4.14 33.80 5.64
CA PHE A 315 -3.75 32.47 6.12
C PHE A 315 -5.02 31.65 6.31
N ILE A 316 -6.08 32.28 6.82
CA ILE A 316 -7.36 31.56 6.99
C ILE A 316 -7.88 31.11 5.61
N ASP A 317 -7.80 32.00 4.61
CA ASP A 317 -8.27 31.69 3.25
C ASP A 317 -7.52 30.53 2.64
N PHE A 318 -6.20 30.52 2.79
CA PHE A 318 -5.35 29.46 2.23
C PHE A 318 -5.61 28.11 2.94
N GLY A 319 -5.81 28.16 4.25
CA GLY A 319 -6.11 26.95 5.00
C GLY A 319 -7.42 26.31 4.49
N LEU A 320 -8.41 27.12 4.16
CA LEU A 320 -9.68 26.59 3.64
C LEU A 320 -9.50 25.99 2.26
N GLU A 321 -8.59 26.54 1.45
CA GLU A 321 -8.36 25.95 0.15
C GLU A 321 -7.73 24.55 0.24
N LEU A 322 -6.85 24.36 1.23
CA LEU A 322 -6.20 23.07 1.44
C LEU A 322 -7.24 22.07 1.98
N VAL A 323 -8.13 22.56 2.83
CA VAL A 323 -9.20 21.75 3.42
C VAL A 323 -10.09 21.25 2.27
N ASP A 324 -10.42 22.12 1.29
CA ASP A 324 -11.24 21.70 0.13
C ASP A 324 -10.50 20.63 -0.71
N GLY A 325 -9.19 20.75 -0.89
CA GLY A 325 -8.47 19.76 -1.67
C GLY A 325 -8.53 18.38 -1.01
N CYS A 326 -8.32 18.37 0.31
CA CYS A 326 -8.36 17.13 1.06
C CYS A 326 -9.82 16.57 1.07
N GLU A 327 -10.84 17.42 1.19
CA GLU A 327 -12.20 16.90 1.14
C GLU A 327 -12.44 16.30 -0.24
N ALA A 328 -11.79 16.84 -1.28
CA ALA A 328 -12.01 16.27 -2.61
C ALA A 328 -11.44 14.85 -2.69
N THR A 329 -10.29 14.61 -2.03
CA THR A 329 -9.72 13.27 -2.12
C THR A 329 -10.63 12.27 -1.39
N TYR A 330 -11.37 12.72 -0.38
CA TYR A 330 -12.30 11.85 0.34
C TYR A 330 -13.60 11.60 -0.47
N ASN A 331 -14.29 12.67 -0.89
CA ASN A 331 -15.58 12.48 -1.57
C ASN A 331 -15.59 12.00 -3.02
N SER A 332 -14.42 11.73 -3.56
CA SER A 332 -14.25 11.24 -4.93
C SER A 332 -14.11 9.72 -5.02
N THR A 333 -13.98 9.03 -3.89
CA THR A 333 -13.83 7.58 -3.88
C THR A 333 -15.16 6.90 -3.62
N LEU A 334 -15.22 5.59 -3.87
CA LEU A 334 -16.42 4.81 -3.66
C LEU A 334 -16.85 4.77 -2.18
N THR A 335 -15.89 4.54 -1.28
CA THR A 335 -16.20 4.48 0.16
C THR A 335 -16.40 5.85 0.81
N LYS A 336 -15.89 6.90 0.17
CA LYS A 336 -15.98 8.27 0.68
C LYS A 336 -14.89 8.54 1.75
N ILE A 337 -13.85 7.70 1.70
CA ILE A 337 -12.67 7.86 2.58
C ILE A 337 -11.54 8.09 1.57
N GLY A 338 -10.61 9.01 1.86
CA GLY A 338 -9.51 9.31 0.94
C GLY A 338 -8.31 8.38 0.99
N PRO A 339 -7.48 8.39 -0.08
CA PRO A 339 -6.27 7.56 -0.21
C PRO A 339 -5.10 8.02 0.62
N ASP A 340 -4.19 7.09 0.88
CA ASP A 340 -3.00 7.37 1.66
C ASP A 340 -2.01 8.27 0.90
N SER A 341 -1.92 8.10 -0.43
CA SER A 341 -1.04 8.96 -1.27
C SER A 341 -1.62 9.14 -2.69
N TRP A 342 -1.31 10.27 -3.32
CA TRP A 342 -1.81 10.58 -4.66
C TRP A 342 -0.92 11.59 -5.40
N GLY A 343 -1.22 11.79 -6.68
CA GLY A 343 -0.45 12.70 -7.51
C GLY A 343 -1.26 13.44 -8.58
N TRP A 344 -0.64 14.48 -9.17
CA TRP A 344 -1.31 15.24 -10.22
C TRP A 344 -0.38 15.71 -11.34
N ASP A 345 0.75 15.04 -11.52
CA ASP A 345 1.68 15.43 -12.58
C ASP A 345 1.00 15.09 -13.91
N PRO A 346 0.75 16.10 -14.76
CA PRO A 346 0.11 15.84 -16.05
C PRO A 346 0.85 14.83 -16.93
N LYS A 347 2.15 14.70 -16.69
CA LYS A 347 3.00 13.79 -17.47
C LYS A 347 3.10 12.37 -16.95
N LYS A 348 2.48 12.10 -15.79
CA LYS A 348 2.54 10.77 -15.20
C LYS A 348 1.18 10.12 -14.90
N VAL A 349 0.10 10.64 -15.50
CA VAL A 349 -1.23 10.07 -15.25
C VAL A 349 -1.35 8.64 -15.78
N PRO A 350 -1.63 7.67 -14.89
CA PRO A 350 -1.80 6.26 -15.26
C PRO A 350 -2.91 6.04 -16.28
N SER A 351 -2.59 5.29 -17.33
CA SER A 351 -3.56 5.01 -18.39
C SER A 351 -4.92 4.54 -17.87
N ASP A 352 -4.91 3.68 -16.85
CA ASP A 352 -6.16 3.17 -16.26
C ASP A 352 -6.89 4.17 -15.35
N GLN A 353 -6.25 5.28 -15.02
CA GLN A 353 -6.89 6.28 -14.16
C GLN A 353 -7.13 7.58 -14.90
N LYS A 354 -7.04 7.53 -16.23
CA LYS A 354 -7.23 8.70 -17.07
C LYS A 354 -8.57 9.40 -16.85
N GLU A 355 -9.67 8.65 -16.98
CA GLU A 355 -11.00 9.24 -16.80
C GLU A 355 -11.14 9.81 -15.39
N PHE A 356 -10.59 9.11 -14.40
CA PHE A 356 -10.66 9.52 -13.00
C PHE A 356 -9.85 10.79 -12.75
N TYR A 357 -8.60 10.81 -13.18
CA TYR A 357 -7.76 11.99 -13.01
C TYR A 357 -8.45 13.21 -13.62
N GLU A 358 -9.00 13.02 -14.81
CA GLU A 358 -9.69 14.08 -15.53
C GLU A 358 -10.89 14.70 -14.84
N LYS A 359 -11.65 13.91 -14.08
CA LYS A 359 -12.80 14.48 -13.39
C LYS A 359 -12.52 14.83 -11.93
N ALA A 360 -11.71 14.00 -11.26
CA ALA A 360 -11.40 14.21 -9.83
C ALA A 360 -10.23 15.17 -9.56
N GLY A 361 -9.27 15.19 -10.47
CA GLY A 361 -8.13 16.08 -10.30
C GLY A 361 -6.87 15.40 -9.79
N PHE A 362 -6.92 14.09 -9.59
CA PHE A 362 -5.74 13.37 -9.13
C PHE A 362 -5.86 11.89 -9.49
N TYR A 363 -4.76 11.18 -9.40
CA TYR A 363 -4.71 9.75 -9.62
C TYR A 363 -4.19 9.18 -8.31
N ILE A 364 -4.66 7.99 -7.93
CA ILE A 364 -4.25 7.35 -6.67
C ILE A 364 -2.97 6.54 -6.76
N SER A 365 -2.08 6.72 -5.79
CA SER A 365 -0.82 6.00 -5.71
C SER A 365 -0.92 4.82 -4.74
N SER A 366 -1.55 5.07 -3.60
CA SER A 366 -1.74 4.03 -2.58
C SER A 366 -3.16 4.21 -2.10
N GLY A 367 -4.00 3.20 -2.31
CA GLY A 367 -5.38 3.31 -1.89
C GLY A 367 -5.70 2.89 -0.46
N SER A 368 -4.72 2.58 0.37
CA SER A 368 -5.05 2.16 1.73
C SER A 368 -5.41 3.32 2.64
N TYR A 369 -6.11 3.00 3.74
CA TYR A 369 -6.50 3.99 4.75
C TYR A 369 -6.18 3.31 6.08
N VAL A 370 -5.23 3.85 6.85
CA VAL A 370 -4.86 3.21 8.11
C VAL A 370 -5.44 3.86 9.38
N LEU A 371 -6.71 4.23 9.32
CA LEU A 371 -7.41 4.85 10.43
C LEU A 371 -6.78 6.19 10.81
N ARG A 372 -6.29 6.93 9.82
N ARG A 372 -6.26 6.91 9.82
CA ARG A 372 -5.65 8.22 10.08
CA ARG A 372 -5.61 8.21 10.07
C ARG A 372 -6.63 9.36 10.38
C ARG A 372 -6.59 9.38 10.34
N PRO A 373 -6.18 10.34 11.19
CA PRO A 373 -6.98 11.49 11.59
C PRO A 373 -6.79 12.87 10.96
N GLU A 374 -5.74 13.05 10.18
CA GLU A 374 -5.40 14.39 9.67
C GLU A 374 -6.44 15.16 8.90
N VAL A 375 -7.27 14.47 8.13
CA VAL A 375 -8.29 15.22 7.37
C VAL A 375 -9.41 15.68 8.26
N ILE A 376 -9.90 14.78 9.12
CA ILE A 376 -10.95 15.16 10.07
C ILE A 376 -10.44 16.27 11.02
N GLU A 377 -9.16 16.20 11.39
CA GLU A 377 -8.54 17.21 12.25
C GLU A 377 -8.68 18.62 11.61
N SER A 378 -8.26 18.75 10.36
CA SER A 378 -8.32 20.06 9.71
C SER A 378 -9.77 20.54 9.47
N PHE A 379 -10.70 19.60 9.22
CA PHE A 379 -12.12 19.96 9.09
C PHE A 379 -12.62 20.51 10.43
N TYR A 380 -12.13 19.91 11.53
CA TYR A 380 -12.49 20.34 12.88
C TYR A 380 -12.05 21.78 13.11
N TYR A 381 -10.81 22.12 12.73
CA TYR A 381 -10.36 23.50 12.94
C TYR A 381 -11.14 24.45 12.01
N ALA A 382 -11.51 23.99 10.81
CA ALA A 382 -12.25 24.88 9.92
C ALA A 382 -13.61 25.23 10.55
N HIS A 383 -14.25 24.25 11.20
CA HIS A 383 -15.55 24.50 11.84
C HIS A 383 -15.43 25.47 13.02
N ARG A 384 -14.42 25.27 13.86
CA ARG A 384 -14.20 26.14 15.02
C ARG A 384 -13.78 27.57 14.62
N VAL A 385 -12.97 27.70 13.57
CA VAL A 385 -12.51 29.03 13.15
C VAL A 385 -13.57 29.85 12.37
N THR A 386 -14.28 29.23 11.44
CA THR A 386 -15.27 29.95 10.63
C THR A 386 -16.70 29.87 11.22
N GLY A 387 -16.98 28.83 12.00
CA GLY A 387 -18.32 28.67 12.54
C GLY A 387 -19.29 28.10 11.51
N LYS A 388 -18.81 27.81 10.30
CA LYS A 388 -19.69 27.27 9.27
C LYS A 388 -20.04 25.81 9.48
N GLU A 389 -21.32 25.51 9.27
CA GLU A 389 -21.88 24.17 9.43
C GLU A 389 -21.39 23.12 8.41
N ILE A 390 -21.04 23.53 7.20
CA ILE A 390 -20.60 22.54 6.23
C ILE A 390 -19.37 21.70 6.69
N TYR A 391 -18.43 22.33 7.39
CA TYR A 391 -17.22 21.61 7.86
C TYR A 391 -17.56 20.57 8.94
N ARG A 392 -18.57 20.86 9.75
CA ARG A 392 -19.02 19.90 10.77
C ARG A 392 -19.60 18.70 10.03
N ASP A 393 -20.42 18.97 9.02
CA ASP A 393 -21.04 17.93 8.21
C ASP A 393 -19.99 17.06 7.53
N TRP A 394 -18.89 17.66 7.05
CA TRP A 394 -17.82 16.88 6.43
C TRP A 394 -17.15 15.97 7.48
N VAL A 395 -17.07 16.40 8.74
CA VAL A 395 -16.51 15.53 9.79
C VAL A 395 -17.47 14.35 9.97
N TRP A 396 -18.77 14.63 10.13
CA TRP A 396 -19.78 13.55 10.24
C TRP A 396 -19.77 12.57 9.06
N ASN A 397 -19.71 13.07 7.81
CA ASN A 397 -19.72 12.14 6.66
C ASN A 397 -18.53 11.19 6.68
N ALA A 398 -17.35 11.73 7.05
CA ALA A 398 -16.14 10.92 7.10
C ALA A 398 -16.27 9.90 8.22
N PHE A 399 -16.77 10.31 9.39
CA PHE A 399 -16.94 9.39 10.53
C PHE A 399 -17.87 8.20 10.20
N VAL A 400 -18.99 8.49 9.53
CA VAL A 400 -19.94 7.45 9.11
C VAL A 400 -19.34 6.51 8.09
N ALA A 401 -18.49 7.04 7.18
CA ALA A 401 -17.89 6.14 6.19
C ALA A 401 -16.88 5.20 6.86
N ILE A 402 -16.15 5.70 7.88
CA ILE A 402 -15.17 4.87 8.58
C ILE A 402 -15.89 3.77 9.39
N ASN A 403 -16.97 4.14 10.05
CA ASN A 403 -17.77 3.22 10.86
C ASN A 403 -18.45 2.13 10.02
N SER A 404 -18.78 2.43 8.77
CA SER A 404 -19.42 1.47 7.88
C SER A 404 -18.40 0.59 7.21
N THR A 405 -17.28 1.19 6.78
CA THR A 405 -16.25 0.47 6.07
C THR A 405 -15.22 -0.34 6.88
N CYS A 406 -14.78 0.25 7.99
CA CYS A 406 -13.72 -0.33 8.84
C CYS A 406 -14.13 -1.15 10.06
N ARG A 407 -15.38 -1.07 10.47
CA ARG A 407 -15.79 -1.77 11.68
C ARG A 407 -15.81 -3.30 11.63
N THR A 408 -15.30 -3.95 12.69
CA THR A 408 -15.31 -5.41 12.84
C THR A 408 -16.07 -5.73 14.16
N ASP A 409 -16.18 -7.01 14.53
CA ASP A 409 -16.90 -7.37 15.76
C ASP A 409 -16.21 -6.85 17.01
N SER A 410 -14.90 -6.61 16.93
CA SER A 410 -14.17 -6.16 18.12
C SER A 410 -13.75 -4.68 18.11
N GLY A 411 -13.50 -4.11 16.93
CA GLY A 411 -13.07 -2.72 16.85
C GLY A 411 -13.19 -2.17 15.41
N PHE A 412 -12.11 -1.56 14.93
CA PHE A 412 -12.02 -1.01 13.56
C PHE A 412 -10.70 -1.42 12.97
N ALA A 413 -10.71 -1.69 11.66
CA ALA A 413 -9.52 -2.10 10.92
C ALA A 413 -9.14 -1.22 9.74
N ALA A 414 -7.84 -1.16 9.49
CA ALA A 414 -7.28 -0.42 8.36
C ALA A 414 -7.78 -1.22 7.14
N VAL A 415 -7.93 -0.58 5.97
CA VAL A 415 -8.38 -1.25 4.74
C VAL A 415 -7.38 -1.01 3.58
N SER A 416 -7.41 -1.88 2.58
CA SER A 416 -6.44 -1.77 1.49
C SER A 416 -6.75 -0.85 0.32
N ASP A 417 -8.03 -0.64 0.03
CA ASP A 417 -8.38 0.15 -1.15
C ASP A 417 -9.68 0.93 -0.99
N VAL A 418 -9.56 2.22 -0.70
CA VAL A 418 -10.72 3.05 -0.48
C VAL A 418 -11.59 3.26 -1.72
N ASN A 419 -11.14 2.84 -2.90
CA ASN A 419 -11.98 3.03 -4.05
C ASN A 419 -12.62 1.70 -4.51
N LYS A 420 -12.71 0.73 -3.62
CA LYS A 420 -13.35 -0.56 -3.94
C LYS A 420 -14.34 -0.89 -2.86
N ALA A 421 -15.47 -1.49 -3.26
CA ALA A 421 -16.52 -1.85 -2.33
C ALA A 421 -15.99 -2.41 -1.02
N ASN A 422 -16.53 -1.92 0.08
CA ASN A 422 -16.15 -2.38 1.40
C ASN A 422 -14.67 -2.16 1.73
N GLY A 423 -13.97 -1.34 0.96
CA GLY A 423 -12.58 -1.07 1.26
C GLY A 423 -11.59 -2.10 0.75
N GLY A 424 -12.07 -3.05 -0.06
CA GLY A 424 -11.19 -4.09 -0.55
C GLY A 424 -11.00 -5.16 0.51
N SER A 425 -9.85 -5.18 1.18
CA SER A 425 -9.55 -6.15 2.26
C SER A 425 -9.14 -5.42 3.55
N LYS A 426 -9.57 -5.92 4.71
CA LYS A 426 -9.19 -5.34 6.00
C LYS A 426 -7.83 -5.90 6.40
N TYR A 427 -6.99 -5.05 7.02
CA TYR A 427 -5.66 -5.39 7.54
C TYR A 427 -5.93 -5.71 9.02
N ASP A 428 -5.15 -6.63 9.62
CA ASP A 428 -5.32 -6.99 11.05
C ASP A 428 -4.53 -5.94 11.87
N ASN A 429 -4.99 -4.68 11.85
CA ASN A 429 -4.30 -3.59 12.53
C ASN A 429 -5.26 -2.47 12.99
N GLN A 430 -5.11 -2.04 14.25
CA GLN A 430 -5.85 -0.90 14.84
C GLN A 430 -4.84 -0.07 15.66
N GLU A 431 -4.32 0.99 15.08
CA GLU A 431 -3.34 1.86 15.76
C GLU A 431 -4.00 2.59 16.91
N SER A 432 -3.21 2.90 17.94
CA SER A 432 -3.72 3.60 19.12
C SER A 432 -4.31 5.00 18.84
N PHE A 433 -3.89 5.64 17.73
CA PHE A 433 -4.47 6.94 17.40
C PHE A 433 -5.95 6.90 16.97
N LEU A 434 -6.49 5.68 16.81
CA LEU A 434 -7.94 5.52 16.55
C LEU A 434 -8.66 6.12 17.80
N PHE A 435 -8.17 5.73 18.98
CA PHE A 435 -8.73 6.20 20.25
C PHE A 435 -8.38 7.67 20.57
N ALA A 436 -7.12 8.04 20.41
CA ALA A 436 -6.69 9.38 20.74
C ALA A 436 -7.16 10.48 19.81
N GLU A 437 -7.07 10.23 18.50
CA GLU A 437 -7.42 11.23 17.48
C GLU A 437 -8.70 11.07 16.67
N VAL A 438 -8.89 9.93 16.02
CA VAL A 438 -10.10 9.82 15.22
C VAL A 438 -11.38 10.03 16.05
N MET A 439 -11.48 9.34 17.18
CA MET A 439 -12.66 9.45 18.02
C MET A 439 -12.77 10.80 18.75
N LYS A 440 -11.65 11.45 19.06
CA LYS A 440 -11.75 12.72 19.74
C LYS A 440 -12.17 13.88 18.83
N TYR A 441 -11.53 14.02 17.67
CA TYR A 441 -11.90 15.13 16.80
C TYR A 441 -13.35 14.94 16.30
N SER A 442 -13.74 13.70 16.01
CA SER A 442 -15.10 13.45 15.54
C SER A 442 -16.12 13.82 16.61
N TYR A 443 -15.81 13.56 17.88
CA TYR A 443 -16.72 13.91 18.99
C TYR A 443 -16.73 15.43 19.24
N LEU A 444 -15.55 16.06 19.31
CA LEU A 444 -15.48 17.50 19.55
C LEU A 444 -16.23 18.31 18.47
N ALA A 445 -16.25 17.82 17.24
CA ALA A 445 -16.95 18.54 16.17
C ALA A 445 -18.46 18.63 16.47
N HIS A 446 -18.95 17.71 17.30
CA HIS A 446 -20.37 17.65 17.64
C HIS A 446 -20.77 17.90 19.10
N SER A 447 -19.79 18.02 19.99
CA SER A 447 -20.06 18.18 21.42
C SER A 447 -20.17 19.61 21.96
N GLU A 448 -20.49 19.73 23.25
CA GLU A 448 -20.63 21.04 23.92
C GLU A 448 -19.34 21.87 23.99
N ASP A 449 -19.47 23.20 24.06
CA ASP A 449 -18.28 24.04 24.15
C ASP A 449 -17.69 23.82 25.56
N ALA A 450 -16.39 24.05 25.69
CA ALA A 450 -15.73 23.84 26.97
C ALA A 450 -14.34 24.38 26.74
N ALA A 451 -13.56 24.54 27.80
CA ALA A 451 -12.20 25.06 27.67
C ALA A 451 -11.29 24.21 26.77
N TRP A 452 -11.52 22.91 26.69
CA TRP A 452 -10.66 22.07 25.84
C TRP A 452 -10.92 22.20 24.32
N GLN A 453 -12.01 22.86 23.94
CA GLN A 453 -12.26 23.03 22.50
C GLN A 453 -11.28 24.05 21.91
N VAL A 454 -10.96 23.94 20.62
CA VAL A 454 -10.06 24.91 20.00
C VAL A 454 -10.83 26.23 19.95
N GLN A 455 -10.16 27.36 20.16
CA GLN A 455 -10.84 28.67 20.16
C GLN A 455 -10.26 29.63 19.13
N LYS A 456 -10.95 30.77 18.97
CA LYS A 456 -10.54 31.81 18.03
C LYS A 456 -9.66 32.87 18.68
N GLY A 457 -8.88 33.56 17.85
CA GLY A 457 -8.02 34.62 18.37
C GLY A 457 -7.02 34.21 19.44
N GLY A 458 -6.94 34.99 20.52
CA GLY A 458 -6.01 34.66 21.59
C GLY A 458 -6.70 33.98 22.76
N LYS A 459 -7.88 33.42 22.51
CA LYS A 459 -8.67 32.79 23.57
C LYS A 459 -8.33 31.35 23.96
N ASN A 460 -7.36 30.69 23.31
CA ASN A 460 -7.08 29.30 23.68
C ASN A 460 -6.46 29.13 25.07
N THR A 461 -7.05 28.27 25.88
CA THR A 461 -6.48 27.98 27.19
C THR A 461 -5.84 26.56 27.14
N PHE A 462 -6.06 25.85 26.04
CA PHE A 462 -5.47 24.51 25.80
C PHE A 462 -4.88 24.51 24.39
N VAL A 463 -3.83 23.72 24.16
CA VAL A 463 -3.22 23.58 22.84
C VAL A 463 -3.00 22.06 22.61
N TYR A 464 -3.43 21.54 21.45
CA TYR A 464 -3.29 20.11 21.16
C TYR A 464 -1.88 19.71 20.66
N ASN A 465 -1.37 18.58 21.16
CA ASN A 465 -0.08 18.06 20.71
C ASN A 465 -0.42 17.37 19.38
N THR A 466 0.56 16.75 18.71
CA THR A 466 0.30 16.16 17.40
C THR A 466 -0.44 14.80 17.43
N GLU A 467 -0.75 14.30 18.64
CA GLU A 467 -1.50 13.05 18.79
C GLU A 467 -2.88 13.40 19.38
N ALA A 468 -3.32 14.65 19.24
CA ALA A 468 -4.61 15.14 19.74
C ALA A 468 -4.76 15.18 21.29
N HIS A 469 -3.64 15.26 21.98
CA HIS A 469 -3.67 15.35 23.44
C HIS A 469 -3.57 16.83 23.82
N PRO A 470 -4.65 17.39 24.37
CA PRO A 470 -4.61 18.80 24.75
C PRO A 470 -3.82 19.07 26.04
N ILE A 471 -2.95 20.07 25.94
CA ILE A 471 -2.05 20.53 27.00
C ILE A 471 -2.51 21.90 27.51
N SER A 472 -2.59 22.08 28.84
CA SER A 472 -2.98 23.39 29.39
C SER A 472 -1.90 24.41 29.00
N VAL A 473 -2.28 25.64 28.60
CA VAL A 473 -1.25 26.63 28.24
C VAL A 473 -0.54 27.18 29.49
N ALA A 474 0.71 27.59 29.32
CA ALA A 474 1.56 28.07 30.42
C ALA A 474 1.01 29.14 31.35
N ARG A 475 1.56 29.14 32.55
CA ARG A 475 1.21 30.08 33.62
C ARG A 475 -0.21 30.61 33.57
N SER B 1 17.98 -34.04 -1.65
CA SER B 1 17.43 -32.76 -1.13
C SER B 1 16.25 -32.29 -1.96
N ASN B 2 16.48 -32.08 -3.25
CA ASN B 2 15.43 -31.63 -4.16
C ASN B 2 14.09 -32.34 -3.99
N GLN B 3 14.11 -33.64 -3.75
CA GLN B 3 12.88 -34.39 -3.55
C GLN B 3 12.27 -33.93 -2.22
N ALA B 4 13.14 -33.55 -1.28
CA ALA B 4 12.72 -33.08 0.03
C ALA B 4 12.09 -31.68 -0.11
N LYS B 5 12.90 -30.74 -0.61
CA LYS B 5 12.42 -29.39 -0.83
C LYS B 5 11.09 -29.45 -1.58
N ALA B 6 10.98 -30.40 -2.49
CA ALA B 6 9.76 -30.57 -3.31
C ALA B 6 8.55 -31.00 -2.49
N ASP B 7 8.77 -31.85 -1.50
CA ASP B 7 7.66 -32.29 -0.66
C ASP B 7 7.34 -31.20 0.36
N ALA B 8 8.31 -30.32 0.59
CA ALA B 8 8.12 -29.22 1.53
C ALA B 8 7.12 -28.23 0.93
N VAL B 9 7.08 -28.17 -0.41
CA VAL B 9 6.16 -27.29 -1.12
C VAL B 9 4.79 -27.95 -1.24
N LYS B 10 4.78 -29.26 -1.41
CA LYS B 10 3.52 -29.98 -1.50
C LYS B 10 2.78 -29.86 -0.18
N GLU B 11 3.54 -29.69 0.91
CA GLU B 11 2.92 -29.56 2.24
C GLU B 11 2.26 -28.19 2.41
N ALA B 12 2.94 -27.17 1.89
CA ALA B 12 2.43 -25.82 1.98
C ALA B 12 1.11 -25.70 1.23
N PHE B 13 1.04 -26.36 0.08
CA PHE B 13 -0.16 -26.37 -0.74
C PHE B 13 -1.29 -27.11 -0.03
N GLN B 14 -0.99 -28.23 0.60
CA GLN B 14 -2.01 -29.01 1.29
C GLN B 14 -2.55 -28.20 2.46
N HIS B 15 -1.65 -27.51 3.17
CA HIS B 15 -2.02 -26.68 4.32
C HIS B 15 -3.12 -25.69 3.93
N ALA B 16 -2.91 -24.95 2.84
CA ALA B 16 -3.89 -23.95 2.41
C ALA B 16 -5.16 -24.56 1.84
N TRP B 17 -5.03 -25.72 1.20
CA TRP B 17 -6.20 -26.38 0.63
C TRP B 17 -7.12 -26.86 1.77
N ASN B 18 -6.54 -27.35 2.87
CA ASN B 18 -7.38 -27.80 3.99
C ASN B 18 -8.17 -26.64 4.59
N GLY B 19 -7.49 -25.51 4.82
CA GLY B 19 -8.18 -24.36 5.35
C GLY B 19 -9.27 -23.92 4.41
N TYR B 20 -8.95 -23.90 3.12
CA TYR B 20 -9.91 -23.53 2.10
C TYR B 20 -11.15 -24.43 2.12
N MET B 21 -10.92 -25.74 2.08
CA MET B 21 -12.03 -26.67 2.10
C MET B 21 -12.90 -26.51 3.36
N LYS B 22 -12.23 -26.43 4.51
CA LYS B 22 -12.94 -26.29 5.78
C LYS B 22 -13.73 -25.02 6.02
N TYR B 23 -13.17 -23.87 5.65
CA TYR B 23 -13.84 -22.60 5.90
C TYR B 23 -14.50 -21.88 4.74
N ALA B 24 -14.06 -22.15 3.50
CA ALA B 24 -14.62 -21.42 2.36
C ALA B 24 -15.27 -22.14 1.17
N PHE B 25 -14.70 -23.26 0.74
CA PHE B 25 -15.25 -23.99 -0.42
C PHE B 25 -16.78 -24.05 -0.38
N PRO B 26 -17.48 -23.79 -1.51
CA PRO B 26 -17.07 -23.42 -2.87
C PRO B 26 -17.08 -21.92 -3.22
N HIS B 27 -16.95 -21.05 -2.23
CA HIS B 27 -16.92 -19.61 -2.51
C HIS B 27 -15.59 -19.36 -3.22
N ASP B 28 -15.42 -18.21 -3.86
CA ASP B 28 -14.17 -17.96 -4.57
C ASP B 28 -12.89 -18.16 -3.74
N GLU B 29 -12.86 -17.70 -2.49
CA GLU B 29 -11.65 -17.91 -1.70
C GLU B 29 -11.72 -17.80 -0.18
N LEU B 30 -10.68 -18.33 0.46
CA LEU B 30 -10.55 -18.31 1.91
C LEU B 30 -10.12 -16.90 2.38
N THR B 31 -10.63 -16.44 3.52
CA THR B 31 -10.15 -15.17 4.08
C THR B 31 -9.32 -15.80 5.21
N PRO B 32 -8.00 -15.82 5.04
CA PRO B 32 -7.02 -16.40 5.96
C PRO B 32 -6.79 -15.91 7.40
N VAL B 33 -7.22 -14.69 7.72
CA VAL B 33 -7.01 -14.17 9.07
C VAL B 33 -8.25 -14.38 9.93
N SER B 34 -9.41 -14.21 9.32
CA SER B 34 -10.69 -14.41 10.00
C SER B 34 -11.24 -15.84 9.80
N ASN B 35 -10.58 -16.64 8.96
CA ASN B 35 -11.04 -18.00 8.67
C ASN B 35 -12.49 -17.97 8.19
N GLY B 36 -12.73 -17.24 7.10
CA GLY B 36 -14.08 -17.13 6.52
C GLY B 36 -14.00 -17.26 5.01
N HIS B 37 -14.97 -16.69 4.28
CA HIS B 37 -14.94 -16.78 2.82
C HIS B 37 -15.25 -15.45 2.14
N ALA B 38 -14.90 -15.36 0.87
CA ALA B 38 -15.15 -14.17 0.06
C ALA B 38 -15.36 -14.61 -1.39
N ASP B 39 -15.85 -13.69 -2.22
CA ASP B 39 -16.10 -13.97 -3.64
C ASP B 39 -15.70 -12.82 -4.56
N SER B 40 -14.40 -12.71 -4.84
CA SER B 40 -13.94 -11.64 -5.70
C SER B 40 -13.92 -12.02 -7.19
N ARG B 41 -14.27 -13.25 -7.50
CA ARG B 41 -14.26 -13.75 -8.89
C ARG B 41 -15.62 -14.32 -9.36
N ASN B 42 -16.67 -13.49 -9.21
CA ASN B 42 -18.03 -13.84 -9.63
C ASN B 42 -18.71 -15.09 -9.03
N GLY B 43 -18.15 -15.62 -7.95
CA GLY B 43 -18.77 -16.76 -7.29
C GLY B 43 -18.66 -18.18 -7.82
N TRP B 44 -17.94 -18.40 -8.92
CA TRP B 44 -17.83 -19.76 -9.45
C TRP B 44 -16.79 -20.63 -8.77
N GLY B 45 -16.21 -20.18 -7.65
CA GLY B 45 -15.21 -20.97 -6.96
C GLY B 45 -13.81 -20.89 -7.55
N ALA B 46 -13.29 -19.67 -7.65
CA ALA B 46 -11.96 -19.41 -8.22
C ALA B 46 -10.80 -20.21 -7.65
N SER B 47 -10.74 -20.40 -6.32
CA SER B 47 -9.60 -21.11 -5.77
C SER B 47 -9.59 -22.60 -6.11
N ALA B 48 -10.79 -23.17 -6.22
CA ALA B 48 -10.94 -24.57 -6.57
C ALA B 48 -10.46 -24.79 -8.03
N VAL B 49 -10.94 -23.96 -8.96
CA VAL B 49 -10.57 -24.09 -10.37
C VAL B 49 -9.11 -23.70 -10.68
N ASP B 50 -8.58 -22.71 -9.97
CA ASP B 50 -7.20 -22.24 -10.20
C ASP B 50 -6.17 -23.26 -9.66
N ALA B 51 -6.59 -24.06 -8.69
CA ALA B 51 -5.72 -25.05 -8.09
C ALA B 51 -5.62 -26.37 -8.87
N LEU B 52 -6.56 -26.62 -9.78
CA LEU B 52 -6.58 -27.88 -10.54
C LEU B 52 -5.26 -28.29 -11.21
N SER B 53 -4.75 -27.45 -12.10
CA SER B 53 -3.52 -27.79 -12.80
C SER B 53 -2.35 -28.03 -11.86
N THR B 54 -2.30 -27.32 -10.73
CA THR B 54 -1.20 -27.51 -9.79
C THR B 54 -1.32 -28.85 -9.03
N ALA B 55 -2.55 -29.23 -8.72
CA ALA B 55 -2.76 -30.49 -8.01
C ALA B 55 -2.39 -31.66 -8.92
N VAL B 56 -2.82 -31.59 -10.18
CA VAL B 56 -2.51 -32.63 -11.14
C VAL B 56 -0.99 -32.82 -11.20
N ILE B 57 -0.27 -31.71 -11.37
CA ILE B 57 1.19 -31.75 -11.44
C ILE B 57 1.87 -32.28 -10.18
N MET B 58 1.20 -32.20 -9.04
CA MET B 58 1.78 -32.69 -7.79
C MET B 58 1.34 -34.13 -7.52
N GLY B 59 0.40 -34.60 -8.33
CA GLY B 59 -0.11 -35.95 -8.19
C GLY B 59 -1.11 -36.20 -7.07
N LYS B 60 -1.89 -35.18 -6.69
CA LYS B 60 -2.89 -35.33 -5.62
C LYS B 60 -4.26 -35.68 -6.18
N ALA B 61 -4.51 -36.97 -6.35
CA ALA B 61 -5.77 -37.45 -6.90
C ALA B 61 -7.00 -36.98 -6.13
N ASP B 62 -6.91 -37.01 -4.82
CA ASP B 62 -8.03 -36.59 -3.96
C ASP B 62 -8.44 -35.14 -4.23
N VAL B 63 -7.45 -34.25 -4.28
CA VAL B 63 -7.73 -32.84 -4.54
C VAL B 63 -8.33 -32.74 -5.93
N VAL B 64 -7.63 -33.33 -6.90
CA VAL B 64 -8.05 -33.32 -8.29
C VAL B 64 -9.50 -33.76 -8.52
N ASN B 65 -9.89 -34.88 -7.91
CA ASN B 65 -11.25 -35.38 -8.07
C ASN B 65 -12.32 -34.46 -7.50
N ALA B 66 -12.07 -33.90 -6.32
CA ALA B 66 -13.03 -32.99 -5.68
C ALA B 66 -13.26 -31.76 -6.56
N ILE B 67 -12.21 -31.36 -7.27
CA ILE B 67 -12.31 -30.19 -8.14
C ILE B 67 -13.11 -30.58 -9.37
N LEU B 68 -12.89 -31.79 -9.88
CA LEU B 68 -13.64 -32.24 -11.05
C LEU B 68 -15.13 -32.23 -10.77
N GLU B 69 -15.53 -32.76 -9.62
CA GLU B 69 -16.95 -32.78 -9.26
C GLU B 69 -17.51 -31.36 -9.23
N HIS B 70 -16.77 -30.45 -8.58
CA HIS B 70 -17.21 -29.07 -8.46
C HIS B 70 -17.50 -28.34 -9.77
N VAL B 71 -16.60 -28.45 -10.75
CA VAL B 71 -16.84 -27.76 -12.01
C VAL B 71 -18.07 -28.35 -12.69
N ALA B 72 -18.32 -29.63 -12.44
CA ALA B 72 -19.47 -30.28 -13.03
C ALA B 72 -20.74 -29.54 -12.62
N ASP B 73 -20.86 -29.23 -11.33
CA ASP B 73 -22.05 -28.54 -10.83
C ASP B 73 -22.10 -27.02 -11.08
N ILE B 74 -20.97 -26.43 -11.44
CA ILE B 74 -20.90 -24.99 -11.69
C ILE B 74 -21.81 -24.55 -12.83
N ASP B 75 -22.29 -23.31 -12.76
CA ASP B 75 -23.14 -22.75 -13.80
C ASP B 75 -22.66 -21.35 -14.15
N PHE B 76 -21.68 -21.27 -15.06
CA PHE B 76 -21.09 -19.99 -15.48
C PHE B 76 -22.09 -19.03 -16.11
N SER B 77 -23.37 -19.40 -16.07
CA SER B 77 -24.41 -18.56 -16.66
C SER B 77 -24.94 -17.45 -15.77
N LYS B 78 -24.82 -17.63 -14.46
CA LYS B 78 -25.34 -16.64 -13.53
C LYS B 78 -24.31 -16.13 -12.50
N THR B 79 -24.27 -14.81 -12.34
CA THR B 79 -23.39 -14.15 -11.38
C THR B 79 -24.04 -12.81 -10.99
N SER B 80 -23.64 -12.26 -9.85
CA SER B 80 -24.24 -11.02 -9.36
C SER B 80 -23.39 -9.76 -9.52
N ASP B 81 -22.17 -9.91 -10.01
CA ASP B 81 -21.29 -8.75 -10.17
C ASP B 81 -20.90 -8.56 -11.63
N THR B 82 -20.29 -7.42 -11.92
CA THR B 82 -19.81 -7.09 -13.27
C THR B 82 -18.56 -7.95 -13.48
N VAL B 83 -18.26 -8.30 -14.74
CA VAL B 83 -17.12 -9.17 -15.00
C VAL B 83 -15.96 -8.64 -15.86
N SER B 84 -14.78 -9.21 -15.60
CA SER B 84 -13.55 -8.86 -16.33
C SER B 84 -13.37 -9.94 -17.37
N LEU B 85 -13.28 -9.54 -18.64
CA LEU B 85 -13.12 -10.54 -19.69
C LEU B 85 -11.75 -11.18 -19.48
N PHE B 86 -10.77 -10.31 -19.22
CA PHE B 86 -9.39 -10.71 -18.99
C PHE B 86 -9.25 -11.64 -17.79
N GLU B 87 -9.76 -11.22 -16.63
CA GLU B 87 -9.66 -12.05 -15.44
C GLU B 87 -10.36 -13.38 -15.55
N THR B 88 -11.54 -13.35 -16.16
CA THR B 88 -12.31 -14.57 -16.29
C THR B 88 -11.63 -15.52 -17.26
N THR B 89 -10.94 -14.93 -18.24
CA THR B 89 -10.25 -15.70 -19.26
C THR B 89 -9.00 -16.39 -18.74
N ILE B 90 -8.10 -15.64 -18.09
CA ILE B 90 -6.86 -16.25 -17.59
C ILE B 90 -6.99 -17.23 -16.42
N ARG B 91 -8.05 -17.10 -15.61
CA ARG B 91 -8.24 -18.02 -14.47
C ARG B 91 -9.20 -19.18 -14.74
N TYR B 92 -10.45 -18.84 -15.04
CA TYR B 92 -11.48 -19.85 -15.30
C TYR B 92 -11.32 -20.61 -16.63
N LEU B 93 -11.22 -19.90 -17.75
CA LEU B 93 -11.08 -20.59 -19.02
C LEU B 93 -9.76 -21.38 -19.08
N ALA B 94 -8.63 -20.69 -18.85
CA ALA B 94 -7.32 -21.36 -18.85
C ALA B 94 -7.22 -22.50 -17.84
N GLY B 95 -7.74 -22.31 -16.63
CA GLY B 95 -7.66 -23.36 -15.63
C GLY B 95 -8.37 -24.67 -16.00
N MET B 96 -9.47 -24.56 -16.75
CA MET B 96 -10.23 -25.73 -17.18
C MET B 96 -9.53 -26.33 -18.42
N LEU B 97 -9.06 -25.48 -19.32
CA LEU B 97 -8.37 -26.00 -20.50
C LEU B 97 -7.11 -26.75 -20.08
N SER B 98 -6.29 -26.15 -19.22
CA SER B 98 -5.05 -26.78 -18.74
C SER B 98 -5.35 -28.11 -18.05
N GLY B 99 -6.49 -28.14 -17.36
CA GLY B 99 -6.87 -29.36 -16.67
C GLY B 99 -7.11 -30.46 -17.67
N TYR B 100 -7.75 -30.10 -18.77
CA TYR B 100 -8.04 -31.05 -19.84
C TYR B 100 -6.76 -31.71 -20.34
N ASP B 101 -5.94 -30.94 -21.05
CA ASP B 101 -4.69 -31.44 -21.60
C ASP B 101 -3.85 -32.28 -20.65
N LEU B 102 -3.61 -31.77 -19.45
CA LEU B 102 -2.81 -32.51 -18.49
C LEU B 102 -3.40 -33.90 -18.22
N LEU B 103 -4.66 -33.94 -17.79
CA LEU B 103 -5.35 -35.19 -17.51
C LEU B 103 -5.49 -36.05 -18.76
N GLN B 104 -6.01 -35.42 -19.82
CA GLN B 104 -6.23 -36.09 -21.09
C GLN B 104 -4.89 -36.46 -21.72
N GLY B 105 -3.79 -36.23 -21.00
CA GLY B 105 -2.49 -36.53 -21.56
C GLY B 105 -1.38 -37.05 -20.65
N PRO B 106 -0.39 -36.22 -20.30
CA PRO B 106 0.74 -36.60 -19.43
C PRO B 106 0.37 -37.13 -18.06
N ALA B 107 -0.91 -37.08 -17.72
CA ALA B 107 -1.39 -37.58 -16.45
C ALA B 107 -2.71 -38.28 -16.68
N LYS B 108 -2.75 -39.07 -17.75
CA LYS B 108 -3.93 -39.82 -18.15
C LYS B 108 -4.39 -40.83 -17.09
N ASN B 109 -3.44 -41.39 -16.35
CA ASN B 109 -3.76 -42.37 -15.32
C ASN B 109 -3.51 -41.92 -13.89
N LEU B 110 -4.26 -40.91 -13.47
CA LEU B 110 -4.18 -40.36 -12.12
C LEU B 110 -5.59 -40.43 -11.55
N VAL B 111 -6.55 -40.09 -12.41
CA VAL B 111 -7.97 -40.09 -12.08
C VAL B 111 -8.69 -41.03 -13.03
N ASP B 112 -9.22 -42.13 -12.49
CA ASP B 112 -9.91 -43.10 -13.34
C ASP B 112 -11.12 -42.47 -14.03
N ASN B 113 -11.93 -41.76 -13.25
CA ASN B 113 -13.13 -41.11 -13.78
C ASN B 113 -12.87 -40.22 -15.00
N GLN B 114 -13.06 -40.77 -16.19
CA GLN B 114 -12.87 -40.03 -17.44
C GLN B 114 -14.00 -39.03 -17.66
N ASP B 115 -15.22 -39.45 -17.35
CA ASP B 115 -16.39 -38.60 -17.53
C ASP B 115 -16.21 -37.19 -16.96
N LEU B 116 -15.42 -37.08 -15.90
CA LEU B 116 -15.16 -35.79 -15.27
C LEU B 116 -14.10 -35.04 -16.08
N ILE B 117 -13.07 -35.78 -16.50
CA ILE B 117 -11.98 -35.22 -17.29
C ILE B 117 -12.51 -34.67 -18.62
N ASP B 118 -13.70 -35.11 -19.03
CA ASP B 118 -14.29 -34.65 -20.29
C ASP B 118 -15.19 -33.44 -20.13
N GLY B 119 -15.72 -33.26 -18.92
CA GLY B 119 -16.60 -32.14 -18.67
C GLY B 119 -15.91 -30.79 -18.74
N LEU B 120 -14.60 -30.80 -18.55
CA LEU B 120 -13.82 -29.57 -18.60
C LEU B 120 -14.08 -28.77 -19.87
N LEU B 121 -14.01 -29.45 -21.02
CA LEU B 121 -14.23 -28.78 -22.31
C LEU B 121 -15.65 -28.25 -22.50
N ASP B 122 -16.65 -29.02 -22.08
CA ASP B 122 -18.04 -28.60 -22.21
C ASP B 122 -18.25 -27.26 -21.53
N GLN B 123 -17.73 -27.14 -20.30
CA GLN B 123 -17.85 -25.91 -19.51
C GLN B 123 -17.08 -24.75 -20.15
N SER B 124 -15.89 -25.05 -20.70
CA SER B 124 -15.08 -24.04 -21.36
C SER B 124 -15.84 -23.39 -22.51
N ARG B 125 -16.52 -24.19 -23.32
CA ARG B 125 -17.29 -23.64 -24.45
C ARG B 125 -18.38 -22.70 -23.91
N ASN B 126 -19.12 -23.21 -22.92
CA ASN B 126 -20.18 -22.43 -22.31
C ASN B 126 -19.71 -21.04 -21.88
N LEU B 127 -18.56 -21.02 -21.20
CA LEU B 127 -17.97 -19.79 -20.70
C LEU B 127 -17.76 -18.73 -21.77
N ALA B 128 -17.05 -19.07 -22.84
CA ALA B 128 -16.80 -18.12 -23.92
C ALA B 128 -18.10 -17.70 -24.63
N ASP B 129 -19.02 -18.65 -24.76
CA ASP B 129 -20.28 -18.36 -25.41
C ASP B 129 -21.11 -17.29 -24.70
N VAL B 130 -20.73 -16.96 -23.47
CA VAL B 130 -21.45 -15.94 -22.72
C VAL B 130 -20.67 -14.62 -22.71
N LEU B 131 -19.36 -14.69 -22.91
CA LEU B 131 -18.50 -13.51 -22.87
C LEU B 131 -18.28 -12.78 -24.20
N LYS B 132 -18.53 -13.47 -25.31
CA LYS B 132 -18.29 -12.89 -26.65
C LYS B 132 -18.89 -11.54 -27.03
N PHE B 133 -20.10 -11.24 -26.58
CA PHE B 133 -20.71 -9.97 -26.93
C PHE B 133 -19.78 -8.80 -26.60
N ALA B 134 -18.74 -9.09 -25.81
CA ALA B 134 -17.78 -8.07 -25.42
C ALA B 134 -16.91 -7.64 -26.59
N PHE B 135 -16.83 -8.48 -27.61
CA PHE B 135 -16.03 -8.19 -28.80
C PHE B 135 -16.79 -7.40 -29.90
N ASP B 136 -18.12 -7.37 -29.81
CA ASP B 136 -18.92 -6.66 -30.81
C ASP B 136 -18.82 -5.15 -30.74
N THR B 137 -17.76 -4.61 -31.32
CA THR B 137 -17.56 -3.17 -31.36
C THR B 137 -17.22 -2.77 -32.80
N PRO B 138 -17.16 -1.46 -33.09
CA PRO B 138 -16.82 -1.05 -34.45
C PRO B 138 -15.52 -1.76 -34.83
N SER B 139 -14.43 -1.25 -34.26
CA SER B 139 -13.08 -1.74 -34.48
C SER B 139 -12.87 -3.24 -34.14
N GLY B 140 -13.35 -3.66 -32.98
CA GLY B 140 -13.16 -5.06 -32.58
C GLY B 140 -12.52 -5.18 -31.21
N VAL B 141 -11.69 -4.21 -30.84
CA VAL B 141 -11.04 -4.20 -29.53
C VAL B 141 -12.26 -4.29 -28.60
N PRO B 142 -12.32 -5.32 -27.75
CA PRO B 142 -13.46 -5.52 -26.85
C PRO B 142 -13.66 -4.64 -25.61
N TYR B 143 -14.74 -4.98 -24.92
CA TYR B 143 -15.15 -4.34 -23.69
C TYR B 143 -14.79 -5.37 -22.63
N ASN B 144 -13.85 -5.03 -21.77
CA ASN B 144 -13.40 -5.95 -20.72
C ASN B 144 -14.42 -6.13 -19.60
N ASN B 145 -14.99 -5.01 -19.13
CA ASN B 145 -15.96 -5.04 -18.02
C ASN B 145 -17.41 -5.11 -18.47
N ILE B 146 -17.96 -6.32 -18.57
CA ILE B 146 -19.34 -6.50 -19.00
C ILE B 146 -20.28 -7.07 -17.95
N ASN B 147 -21.53 -7.27 -18.38
CA ASN B 147 -22.64 -7.80 -17.58
C ASN B 147 -23.19 -8.93 -18.43
N ILE B 148 -23.04 -10.16 -17.97
CA ILE B 148 -23.51 -11.31 -18.73
C ILE B 148 -25.00 -11.52 -18.61
N THR B 149 -25.71 -10.50 -18.11
CA THR B 149 -27.15 -10.59 -17.96
C THR B 149 -27.84 -9.58 -18.89
N SER B 150 -27.53 -8.30 -18.72
CA SER B 150 -28.12 -7.28 -19.58
C SER B 150 -27.25 -7.12 -20.82
N HIS B 151 -26.28 -8.02 -20.97
CA HIS B 151 -25.36 -7.99 -22.10
C HIS B 151 -24.83 -6.58 -22.23
N GLY B 152 -24.93 -5.83 -21.14
CA GLY B 152 -24.47 -4.46 -21.13
C GLY B 152 -22.99 -4.37 -20.83
N ASN B 153 -22.42 -3.18 -20.99
CA ASN B 153 -21.00 -2.98 -20.74
C ASN B 153 -20.62 -1.65 -20.11
N ASP B 154 -19.45 -1.66 -19.50
CA ASP B 154 -18.85 -0.52 -18.82
C ASP B 154 -18.97 0.80 -19.60
N GLY B 155 -19.03 0.71 -20.93
CA GLY B 155 -19.12 1.92 -21.73
C GLY B 155 -17.88 2.79 -21.59
N ALA B 156 -16.78 2.40 -22.21
CA ALA B 156 -15.54 3.18 -22.14
C ALA B 156 -15.04 3.53 -23.53
N THR B 157 -14.25 4.60 -23.63
CA THR B 157 -13.72 5.03 -24.91
C THR B 157 -12.52 4.21 -25.36
N THR B 158 -11.67 3.81 -24.42
CA THR B 158 -10.49 3.03 -24.78
C THR B 158 -10.40 1.72 -23.99
N ASN B 159 -9.54 0.80 -24.46
CA ASN B 159 -9.32 -0.48 -23.80
C ASN B 159 -7.82 -0.69 -23.59
N GLY B 160 -7.46 -1.16 -22.40
CA GLY B 160 -6.05 -1.35 -22.10
C GLY B 160 -5.34 -2.32 -23.02
N LEU B 161 -4.04 -2.14 -23.15
CA LEU B 161 -3.23 -2.99 -23.99
C LEU B 161 -3.26 -4.45 -23.49
N ALA B 162 -2.89 -4.65 -22.23
CA ALA B 162 -2.86 -6.01 -21.67
C ALA B 162 -4.19 -6.75 -21.66
N VAL B 163 -5.26 -6.08 -21.22
CA VAL B 163 -6.53 -6.79 -21.22
C VAL B 163 -6.98 -7.07 -22.66
N THR B 164 -6.51 -6.27 -23.62
CA THR B 164 -6.86 -6.51 -25.01
C THR B 164 -5.98 -7.61 -25.60
N GLY B 165 -4.69 -7.60 -25.24
CA GLY B 165 -3.78 -8.58 -25.82
C GLY B 165 -3.35 -9.80 -25.01
N THR B 166 -4.21 -10.30 -24.13
CA THR B 166 -3.87 -11.48 -23.33
C THR B 166 -5.07 -12.42 -23.29
N LEU B 167 -5.67 -12.61 -24.46
CA LEU B 167 -6.83 -13.47 -24.63
C LEU B 167 -6.63 -14.52 -25.73
N VAL B 168 -5.85 -14.20 -26.77
CA VAL B 168 -5.64 -15.14 -27.90
C VAL B 168 -5.23 -16.57 -27.61
N LEU B 169 -4.36 -16.79 -26.64
CA LEU B 169 -3.90 -18.14 -26.30
C LEU B 169 -5.03 -19.05 -25.81
N GLU B 170 -5.81 -18.55 -24.86
CA GLU B 170 -6.91 -19.32 -24.30
C GLU B 170 -8.00 -19.60 -25.33
N TRP B 171 -8.49 -18.53 -25.97
CA TRP B 171 -9.57 -18.67 -26.95
C TRP B 171 -9.17 -19.55 -28.13
N THR B 172 -8.03 -19.26 -28.76
CA THR B 172 -7.57 -20.05 -29.88
C THR B 172 -7.48 -21.53 -29.48
N ARG B 173 -7.02 -21.79 -28.26
CA ARG B 173 -6.92 -23.17 -27.80
C ARG B 173 -8.28 -23.86 -27.80
N LEU B 174 -9.33 -23.08 -27.58
CA LEU B 174 -10.68 -23.62 -27.56
C LEU B 174 -11.18 -23.82 -28.99
N SER B 175 -10.97 -22.82 -29.86
CA SER B 175 -11.38 -22.93 -31.26
C SER B 175 -10.74 -24.20 -31.78
N ASP B 176 -9.49 -24.40 -31.39
CA ASP B 176 -8.69 -25.55 -31.79
C ASP B 176 -9.14 -26.85 -31.13
N LEU B 177 -9.98 -26.75 -30.11
CA LEU B 177 -10.42 -27.96 -29.41
C LEU B 177 -11.86 -28.31 -29.72
N THR B 178 -12.63 -27.30 -30.12
CA THR B 178 -14.03 -27.52 -30.47
C THR B 178 -14.10 -27.63 -31.99
N GLY B 179 -13.79 -26.53 -32.65
CA GLY B 179 -13.81 -26.45 -34.11
C GLY B 179 -14.28 -25.05 -34.47
N ASP B 180 -15.35 -24.62 -33.80
CA ASP B 180 -15.94 -23.32 -34.03
C ASP B 180 -14.91 -22.17 -34.00
N GLU B 181 -14.20 -22.02 -35.11
CA GLU B 181 -13.16 -21.00 -35.25
C GLU B 181 -13.52 -19.60 -34.73
N GLU B 182 -14.81 -19.36 -34.45
CA GLU B 182 -15.27 -18.07 -33.96
C GLU B 182 -14.44 -17.56 -32.78
N TYR B 183 -14.06 -18.46 -31.88
CA TYR B 183 -13.26 -18.09 -30.71
C TYR B 183 -11.94 -17.49 -31.17
N ALA B 184 -11.24 -18.20 -32.05
CA ALA B 184 -9.96 -17.73 -32.56
C ALA B 184 -10.15 -16.45 -33.35
N LYS B 185 -11.23 -16.42 -34.13
CA LYS B 185 -11.55 -15.28 -34.97
C LYS B 185 -11.65 -13.99 -34.18
N LEU B 186 -12.59 -13.94 -33.26
CA LEU B 186 -12.82 -12.75 -32.43
C LEU B 186 -11.52 -12.31 -31.75
N SER B 187 -10.88 -13.24 -31.05
CA SER B 187 -9.65 -12.94 -30.34
C SER B 187 -8.54 -12.39 -31.25
N GLN B 188 -8.19 -13.12 -32.30
CA GLN B 188 -7.13 -12.69 -33.21
C GLN B 188 -7.52 -11.40 -33.93
N LYS B 189 -8.83 -11.22 -34.16
CA LYS B 189 -9.28 -9.99 -34.81
C LYS B 189 -8.94 -8.81 -33.91
N ALA B 190 -9.17 -8.98 -32.61
CA ALA B 190 -8.88 -7.92 -31.65
C ALA B 190 -7.37 -7.70 -31.56
N GLU B 191 -6.59 -8.76 -31.69
CA GLU B 191 -5.13 -8.68 -31.60
C GLU B 191 -4.52 -7.99 -32.83
N SER B 192 -5.22 -8.02 -33.96
CA SER B 192 -4.70 -7.40 -35.18
C SER B 192 -4.17 -5.98 -35.02
N TYR B 193 -4.96 -5.10 -34.39
CA TYR B 193 -4.59 -3.70 -34.19
C TYR B 193 -3.31 -3.43 -33.40
N LEU B 194 -2.95 -4.36 -32.51
CA LEU B 194 -1.75 -4.23 -31.71
C LEU B 194 -0.56 -4.66 -32.57
N LEU B 195 -0.82 -5.55 -33.53
CA LEU B 195 0.22 -6.03 -34.45
C LEU B 195 0.60 -4.91 -35.45
N LYS B 196 -0.40 -4.21 -35.96
CA LYS B 196 -0.16 -3.09 -36.88
C LYS B 196 -0.61 -1.79 -36.21
N PRO B 197 0.28 -1.17 -35.42
CA PRO B 197 -0.01 0.08 -34.71
C PRO B 197 -0.08 1.36 -35.55
N GLN B 198 -1.12 2.15 -35.31
CA GLN B 198 -1.32 3.43 -36.00
C GLN B 198 -1.83 4.42 -34.94
N PRO B 199 -1.31 5.66 -34.93
CA PRO B 199 -0.30 6.24 -35.83
C PRO B 199 1.13 5.89 -35.46
N SER B 200 2.05 6.33 -36.32
CA SER B 200 3.47 6.09 -36.11
C SER B 200 3.92 6.76 -34.81
N SER B 201 3.24 7.84 -34.45
CA SER B 201 3.56 8.59 -33.23
C SER B 201 3.33 7.70 -31.99
N SER B 202 2.51 6.68 -32.14
CA SER B 202 2.22 5.72 -31.07
C SER B 202 3.33 4.70 -30.94
N GLU B 203 4.26 4.70 -31.89
CA GLU B 203 5.36 3.75 -31.88
C GLU B 203 6.71 4.47 -31.78
N PRO B 204 6.98 5.10 -30.62
CA PRO B 204 8.23 5.82 -30.39
C PRO B 204 9.45 4.99 -30.79
N PHE B 205 9.30 3.67 -30.72
CA PHE B 205 10.36 2.75 -31.09
C PHE B 205 9.69 1.51 -31.71
N PRO B 206 10.43 0.79 -32.56
CA PRO B 206 9.90 -0.41 -33.21
C PRO B 206 9.35 -1.48 -32.26
N GLY B 207 8.05 -1.74 -32.36
CA GLY B 207 7.42 -2.74 -31.52
C GLY B 207 6.83 -2.28 -30.20
N LEU B 208 7.33 -1.16 -29.67
CA LEU B 208 6.84 -0.61 -28.41
C LEU B 208 5.64 0.31 -28.66
N VAL B 209 4.46 -0.16 -28.32
CA VAL B 209 3.23 0.58 -28.55
C VAL B 209 2.67 1.35 -27.35
N GLY B 210 1.54 2.02 -27.58
CA GLY B 210 0.87 2.78 -26.54
C GLY B 210 0.08 1.93 -25.57
N SER B 211 -0.19 2.46 -24.39
CA SER B 211 -0.92 1.74 -23.33
C SER B 211 -2.43 1.61 -23.47
N SER B 212 -3.04 2.32 -24.42
CA SER B 212 -4.49 2.25 -24.59
C SER B 212 -4.90 2.40 -26.05
N ILE B 213 -5.92 1.65 -26.45
CA ILE B 213 -6.40 1.65 -27.83
C ILE B 213 -7.89 1.94 -27.94
N ASN B 214 -8.24 2.96 -28.72
CA ASN B 214 -9.64 3.32 -28.94
C ASN B 214 -10.44 2.08 -29.34
N ILE B 215 -11.66 1.96 -28.83
CA ILE B 215 -12.51 0.82 -29.15
C ILE B 215 -13.28 1.05 -30.46
N ASN B 216 -13.27 2.28 -30.94
CA ASN B 216 -13.97 2.62 -32.18
C ASN B 216 -13.04 2.68 -33.39
N ASP B 217 -11.82 3.17 -33.17
CA ASP B 217 -10.82 3.30 -34.23
C ASP B 217 -9.95 2.06 -34.35
N GLY B 218 -9.34 1.70 -33.23
CA GLY B 218 -8.41 0.59 -33.19
C GLY B 218 -7.07 1.28 -33.11
N GLN B 219 -7.12 2.62 -33.02
CA GLN B 219 -5.95 3.47 -32.94
C GLN B 219 -5.47 3.63 -31.50
N PHE B 220 -4.17 3.86 -31.33
CA PHE B 220 -3.57 4.04 -30.01
C PHE B 220 -3.76 5.45 -29.48
N ALA B 221 -4.48 5.57 -28.37
CA ALA B 221 -4.78 6.86 -27.79
C ALA B 221 -3.61 7.53 -27.09
N ASP B 222 -2.50 6.82 -26.89
CA ASP B 222 -1.35 7.42 -26.23
C ASP B 222 -0.02 6.95 -26.80
N SER B 223 1.05 7.53 -26.29
CA SER B 223 2.41 7.21 -26.72
C SER B 223 3.16 6.67 -25.52
N ARG B 224 2.41 6.29 -24.50
CA ARG B 224 3.01 5.76 -23.27
C ARG B 224 3.39 4.29 -23.41
N VAL B 225 4.69 4.01 -23.25
CA VAL B 225 5.19 2.66 -23.36
C VAL B 225 5.71 2.17 -22.02
N SER B 226 5.60 0.87 -21.78
CA SER B 226 6.06 0.25 -20.54
C SER B 226 5.72 -1.23 -20.46
N TRP B 227 6.45 -1.94 -19.61
CA TRP B 227 6.22 -3.37 -19.37
C TRP B 227 5.58 -3.55 -17.98
N ASN B 228 5.14 -2.43 -17.41
CA ASN B 228 4.49 -2.43 -16.11
C ASN B 228 3.05 -2.90 -16.24
N GLY B 229 2.36 -3.00 -15.10
CA GLY B 229 0.98 -3.44 -15.09
C GLY B 229 0.12 -2.64 -16.05
N GLY B 230 -0.85 -3.29 -16.69
CA GLY B 230 -1.69 -2.59 -17.63
C GLY B 230 -1.22 -2.73 -19.08
N ASP B 231 0.03 -3.16 -19.27
CA ASP B 231 0.62 -3.36 -20.60
C ASP B 231 1.29 -4.73 -20.72
N ASP B 232 2.05 -5.05 -19.68
CA ASP B 232 2.82 -6.28 -19.53
C ASP B 232 2.55 -7.55 -20.35
N SER B 233 1.48 -8.28 -20.03
CA SER B 233 1.24 -9.55 -20.72
C SER B 233 0.96 -9.55 -22.23
N PHE B 234 0.76 -8.37 -22.82
CA PHE B 234 0.54 -8.32 -24.26
C PHE B 234 1.84 -8.81 -24.89
N TYR B 235 2.96 -8.27 -24.42
CA TYR B 235 4.27 -8.66 -24.92
C TYR B 235 4.52 -10.14 -24.59
N GLU B 236 4.15 -10.55 -23.37
CA GLU B 236 4.31 -11.95 -22.93
C GLU B 236 3.66 -12.94 -23.93
N TYR B 237 2.43 -12.66 -24.37
CA TYR B 237 1.74 -13.58 -25.28
C TYR B 237 2.21 -13.57 -26.75
N LEU B 238 2.98 -12.57 -27.14
CA LEU B 238 3.51 -12.48 -28.51
C LEU B 238 4.42 -13.68 -28.78
N ILE B 239 5.47 -13.84 -27.97
CA ILE B 239 6.40 -14.97 -28.13
C ILE B 239 5.76 -16.31 -27.71
N LYS B 240 4.85 -16.30 -26.73
CA LYS B 240 4.21 -17.55 -26.31
C LYS B 240 3.29 -18.13 -27.40
N MET B 241 2.66 -17.26 -28.19
CA MET B 241 1.79 -17.75 -29.27
C MET B 241 2.68 -18.52 -30.28
N TYR B 242 3.84 -17.96 -30.57
CA TYR B 242 4.78 -18.57 -31.51
C TYR B 242 5.15 -19.97 -31.02
N VAL B 243 5.21 -20.15 -29.70
CA VAL B 243 5.52 -21.46 -29.14
C VAL B 243 4.32 -22.38 -29.28
N TYR B 244 3.12 -21.82 -29.21
CA TYR B 244 1.92 -22.64 -29.35
C TYR B 244 1.88 -23.26 -30.76
N ASP B 245 2.24 -22.47 -31.77
CA ASP B 245 2.32 -22.95 -33.16
C ASP B 245 3.15 -21.99 -33.98
N PRO B 246 4.45 -22.28 -34.15
CA PRO B 246 5.32 -21.40 -34.93
C PRO B 246 4.81 -21.05 -36.34
N LYS B 247 4.10 -21.98 -36.97
CA LYS B 247 3.57 -21.74 -38.31
C LYS B 247 2.57 -20.58 -38.32
N ARG B 248 1.39 -20.84 -37.77
CA ARG B 248 0.34 -19.85 -37.70
C ARG B 248 0.76 -18.48 -37.15
N PHE B 249 1.73 -18.45 -36.23
CA PHE B 249 2.09 -17.19 -35.61
C PHE B 249 3.48 -16.60 -35.76
N GLU B 250 4.10 -16.74 -36.93
CA GLU B 250 5.42 -16.17 -37.12
C GLU B 250 5.34 -14.64 -37.05
N THR B 251 4.17 -14.11 -37.38
CA THR B 251 3.97 -12.67 -37.35
C THR B 251 4.05 -12.13 -35.92
N TYR B 252 3.62 -12.93 -34.95
CA TYR B 252 3.67 -12.56 -33.53
C TYR B 252 5.12 -12.59 -33.06
N LYS B 253 5.85 -13.64 -33.44
CA LYS B 253 7.26 -13.77 -33.08
C LYS B 253 8.02 -12.53 -33.56
N ASP B 254 7.77 -12.17 -34.82
CA ASP B 254 8.43 -11.01 -35.42
C ASP B 254 8.18 -9.71 -34.67
N ARG B 255 6.92 -9.42 -34.35
CA ARG B 255 6.59 -8.20 -33.62
C ARG B 255 7.23 -8.23 -32.23
N TRP B 256 7.40 -9.44 -31.70
CA TRP B 256 8.00 -9.59 -30.37
C TRP B 256 9.49 -9.24 -30.40
N VAL B 257 10.17 -9.62 -31.48
CA VAL B 257 11.59 -9.37 -31.60
C VAL B 257 11.93 -7.88 -31.67
N LEU B 258 11.03 -7.11 -32.26
CA LEU B 258 11.19 -5.65 -32.38
C LEU B 258 11.10 -4.98 -31.01
N ALA B 259 10.17 -5.46 -30.21
CA ALA B 259 9.98 -4.94 -28.85
C ALA B 259 11.17 -5.35 -27.98
N ALA B 260 11.61 -6.59 -28.12
CA ALA B 260 12.74 -7.05 -27.32
C ALA B 260 13.98 -6.19 -27.59
N GLU B 261 14.21 -5.86 -28.85
CA GLU B 261 15.35 -5.04 -29.24
C GLU B 261 15.19 -3.58 -28.82
N SER B 262 14.04 -2.99 -29.13
CA SER B 262 13.80 -1.61 -28.75
C SER B 262 13.91 -1.46 -27.23
N THR B 263 13.28 -2.42 -26.53
CA THR B 263 13.28 -2.42 -25.07
C THR B 263 14.69 -2.36 -24.55
N ILE B 264 15.56 -3.21 -25.10
CA ILE B 264 16.94 -3.26 -24.66
C ILE B 264 17.71 -1.96 -24.88
N LYS B 265 17.48 -1.29 -26.01
CA LYS B 265 18.21 -0.06 -26.29
C LYS B 265 17.47 1.23 -25.92
N HIS B 266 16.23 1.13 -25.46
CA HIS B 266 15.49 2.33 -25.09
C HIS B 266 14.72 2.27 -23.76
N LEU B 267 14.93 1.21 -22.99
CA LEU B 267 14.27 1.07 -21.68
C LEU B 267 15.24 0.59 -20.60
N LYS B 268 16.29 -0.11 -21.01
CA LYS B 268 17.28 -0.61 -20.07
C LYS B 268 17.73 0.52 -19.14
N SER B 269 18.12 0.17 -17.91
CA SER B 269 18.56 1.17 -16.96
C SER B 269 19.36 0.60 -15.78
N HIS B 270 20.32 1.39 -15.30
CA HIS B 270 21.15 0.99 -14.17
C HIS B 270 21.12 2.07 -13.09
N PRO B 271 20.90 1.69 -11.83
CA PRO B 271 20.86 2.68 -10.75
C PRO B 271 22.28 3.23 -10.49
N LYS B 272 22.35 4.47 -10.06
CA LYS B 272 23.64 5.11 -9.80
C LYS B 272 24.45 4.49 -8.67
N SER B 273 23.81 4.23 -7.53
CA SER B 273 24.52 3.63 -6.39
C SER B 273 24.89 2.20 -6.71
N ARG B 274 24.17 1.61 -7.67
CA ARG B 274 24.38 0.23 -8.07
C ARG B 274 24.29 0.12 -9.60
N PRO B 275 25.41 0.37 -10.30
CA PRO B 275 25.43 0.30 -11.77
C PRO B 275 25.42 -1.14 -12.26
N ASP B 276 25.68 -2.07 -11.34
CA ASP B 276 25.72 -3.49 -11.66
C ASP B 276 24.36 -4.19 -11.68
N LEU B 277 23.29 -3.40 -11.72
CA LEU B 277 21.92 -3.94 -11.75
C LEU B 277 21.13 -3.35 -12.90
N THR B 278 20.08 -4.04 -13.34
CA THR B 278 19.26 -3.54 -14.43
C THR B 278 17.75 -3.62 -14.18
N PHE B 279 17.04 -2.55 -14.54
CA PHE B 279 15.59 -2.43 -14.38
C PHE B 279 15.01 -1.83 -15.67
N LEU B 280 13.76 -2.13 -15.97
CA LEU B 280 13.13 -1.56 -17.15
C LEU B 280 12.40 -0.31 -16.69
N SER B 281 12.04 0.55 -17.64
CA SER B 281 11.35 1.79 -17.30
C SER B 281 10.25 2.16 -18.30
N SER B 282 9.49 3.19 -17.97
CA SER B 282 8.42 3.64 -18.84
C SER B 282 8.85 4.91 -19.53
N TYR B 283 8.26 5.15 -20.70
CA TYR B 283 8.61 6.32 -21.49
C TYR B 283 7.40 7.01 -22.06
N SER B 284 7.45 8.34 -22.06
CA SER B 284 6.38 9.14 -22.62
C SER B 284 6.89 10.55 -22.91
N ASN B 285 6.98 10.86 -24.20
CA ASN B 285 7.43 12.16 -24.68
C ASN B 285 8.69 12.68 -24.00
N ARG B 286 9.83 12.13 -24.42
CA ARG B 286 11.15 12.51 -23.92
C ARG B 286 11.36 12.42 -22.41
N ASN B 287 10.49 11.68 -21.71
CA ASN B 287 10.64 11.55 -20.27
C ASN B 287 10.65 10.08 -19.83
N TYR B 288 11.77 9.66 -19.26
CA TYR B 288 11.93 8.29 -18.78
C TYR B 288 11.62 8.19 -17.28
N ASP B 289 10.64 7.36 -16.93
CA ASP B 289 10.26 7.17 -15.52
C ASP B 289 11.13 6.06 -14.95
N LEU B 290 11.90 6.36 -13.91
CA LEU B 290 12.78 5.35 -13.31
C LEU B 290 12.16 4.58 -12.15
N SER B 291 10.97 4.03 -12.38
CA SER B 291 10.26 3.24 -11.37
C SER B 291 9.63 1.99 -11.99
N SER B 292 9.56 0.91 -11.22
CA SER B 292 8.98 -0.35 -11.70
C SER B 292 8.00 -1.01 -10.71
N GLN B 293 7.58 -2.24 -11.02
CA GLN B 293 6.64 -2.98 -10.19
C GLN B 293 7.00 -4.46 -10.07
N HIS B 294 6.35 -5.15 -9.13
CA HIS B 294 6.60 -6.58 -8.94
C HIS B 294 6.06 -7.24 -10.21
N LEU B 295 4.87 -6.81 -10.65
CA LEU B 295 4.25 -7.35 -11.85
C LEU B 295 5.17 -7.37 -13.06
N THR B 296 5.98 -6.33 -13.18
CA THR B 296 6.92 -6.17 -14.29
C THR B 296 8.02 -7.24 -14.34
N CYS B 297 8.39 -7.79 -13.18
CA CYS B 297 9.43 -8.81 -13.13
C CYS B 297 9.15 -10.08 -13.93
N PHE B 298 8.02 -10.14 -14.63
CA PHE B 298 7.76 -11.30 -15.47
C PHE B 298 8.70 -11.09 -16.67
N ASP B 299 9.20 -9.86 -16.82
CA ASP B 299 10.04 -9.51 -17.95
C ASP B 299 11.23 -10.41 -18.22
N GLY B 300 12.00 -10.71 -17.19
CA GLY B 300 13.16 -11.58 -17.37
C GLY B 300 12.80 -12.93 -17.98
N GLY B 301 11.71 -13.52 -17.51
CA GLY B 301 11.27 -14.83 -18.00
C GLY B 301 10.83 -14.83 -19.46
N SER B 302 10.33 -13.70 -19.94
CA SER B 302 9.91 -13.61 -21.34
C SER B 302 11.16 -13.52 -22.24
N PHE B 303 12.12 -12.68 -21.85
CA PHE B 303 13.35 -12.52 -22.64
C PHE B 303 14.07 -13.87 -22.70
N LEU B 304 13.93 -14.65 -21.61
CA LEU B 304 14.57 -15.95 -21.52
C LEU B 304 13.84 -16.99 -22.40
N LEU B 305 12.52 -16.92 -22.44
CA LEU B 305 11.73 -17.85 -23.24
C LEU B 305 12.02 -17.64 -24.74
N GLY B 306 11.83 -16.41 -25.20
CA GLY B 306 12.10 -16.07 -26.59
C GLY B 306 13.57 -16.28 -26.96
N GLY B 307 14.48 -16.01 -26.03
CA GLY B 307 15.90 -16.22 -26.29
C GLY B 307 16.31 -17.67 -26.55
N THR B 308 15.75 -18.59 -25.77
CA THR B 308 16.10 -20.00 -25.95
C THR B 308 15.38 -20.61 -27.14
N VAL B 309 14.16 -20.14 -27.38
CA VAL B 309 13.38 -20.62 -28.52
C VAL B 309 13.92 -20.05 -29.83
N LEU B 310 14.42 -18.82 -29.78
CA LEU B 310 14.98 -18.17 -30.96
C LEU B 310 16.49 -18.29 -31.06
N ASP B 311 17.10 -19.05 -30.16
CA ASP B 311 18.54 -19.22 -30.12
C ASP B 311 19.26 -17.87 -30.23
N ARG B 312 18.80 -16.91 -29.43
CA ARG B 312 19.39 -15.57 -29.40
C ARG B 312 20.02 -15.32 -28.02
N GLN B 313 21.30 -15.66 -27.91
CA GLN B 313 22.05 -15.50 -26.67
C GLN B 313 21.91 -14.11 -26.08
N ASP B 314 21.97 -13.09 -26.92
CA ASP B 314 21.84 -11.72 -26.44
C ASP B 314 20.53 -11.50 -25.67
N PHE B 315 19.44 -12.11 -26.12
CA PHE B 315 18.17 -11.96 -25.43
C PHE B 315 18.28 -12.64 -24.07
N ILE B 316 18.86 -13.84 -24.08
CA ILE B 316 19.05 -14.62 -22.87
C ILE B 316 19.88 -13.87 -21.83
N ASP B 317 20.93 -13.18 -22.28
CA ASP B 317 21.80 -12.45 -21.37
C ASP B 317 21.11 -11.27 -20.73
N PHE B 318 20.21 -10.64 -21.48
CA PHE B 318 19.45 -9.50 -21.01
C PHE B 318 18.35 -9.90 -20.02
N GLY B 319 17.80 -11.08 -20.20
CA GLY B 319 16.76 -11.54 -19.29
C GLY B 319 17.39 -11.80 -17.94
N LEU B 320 18.61 -12.34 -17.95
CA LEU B 320 19.33 -12.64 -16.72
C LEU B 320 19.74 -11.36 -16.01
N GLU B 321 19.76 -10.25 -16.73
CA GLU B 321 20.13 -8.97 -16.12
C GLU B 321 18.90 -8.39 -15.45
N LEU B 322 17.73 -8.76 -15.96
CA LEU B 322 16.46 -8.30 -15.40
C LEU B 322 16.14 -9.14 -14.17
N VAL B 323 16.53 -10.42 -14.22
CA VAL B 323 16.32 -11.33 -13.11
C VAL B 323 17.19 -10.90 -11.93
N ASP B 324 18.41 -10.47 -12.22
CA ASP B 324 19.33 -10.01 -11.18
C ASP B 324 18.72 -8.81 -10.51
N GLY B 325 18.10 -7.96 -11.31
CA GLY B 325 17.47 -6.76 -10.78
C GLY B 325 16.34 -7.07 -9.82
N CYS B 326 15.50 -8.03 -10.17
CA CYS B 326 14.37 -8.41 -9.34
C CYS B 326 14.85 -9.20 -8.13
N GLU B 327 15.84 -10.07 -8.32
CA GLU B 327 16.36 -10.82 -7.18
C GLU B 327 16.95 -9.82 -6.17
N ALA B 328 17.26 -8.62 -6.66
CA ALA B 328 17.83 -7.58 -5.82
C ALA B 328 16.79 -6.99 -4.87
N THR B 329 15.62 -6.64 -5.41
CA THR B 329 14.57 -6.09 -4.57
C THR B 329 14.11 -7.12 -3.54
N TYR B 330 14.49 -8.38 -3.73
CA TYR B 330 14.10 -9.44 -2.79
C TYR B 330 15.08 -9.63 -1.61
N ASN B 331 16.38 -9.75 -1.89
CA ASN B 331 17.31 -9.94 -0.78
C ASN B 331 17.75 -8.64 -0.07
N SER B 332 17.18 -7.51 -0.47
CA SER B 332 17.51 -6.23 0.18
C SER B 332 16.54 -5.93 1.34
N THR B 333 15.52 -6.75 1.50
CA THR B 333 14.53 -6.53 2.57
C THR B 333 14.75 -7.40 3.79
N LEU B 334 14.12 -7.00 4.89
CA LEU B 334 14.22 -7.71 6.15
C LEU B 334 13.63 -9.11 6.09
N THR B 335 12.47 -9.23 5.45
CA THR B 335 11.81 -10.53 5.32
C THR B 335 12.38 -11.36 4.18
N LYS B 336 13.01 -10.68 3.22
CA LYS B 336 13.58 -11.33 2.03
C LYS B 336 12.53 -11.58 0.93
N ILE B 337 11.46 -10.78 0.97
CA ILE B 337 10.39 -10.78 -0.02
C ILE B 337 10.43 -9.37 -0.62
N GLY B 338 10.35 -9.26 -1.94
CA GLY B 338 10.42 -7.97 -2.59
C GLY B 338 9.18 -7.11 -2.48
N PRO B 339 9.35 -5.79 -2.64
CA PRO B 339 8.27 -4.81 -2.58
C PRO B 339 7.44 -4.79 -3.85
N ASP B 340 6.22 -4.26 -3.72
CA ASP B 340 5.30 -4.18 -4.84
C ASP B 340 5.73 -3.15 -5.87
N SER B 341 6.39 -2.07 -5.43
CA SER B 341 6.88 -1.01 -6.33
C SER B 341 8.11 -0.32 -5.72
N TRP B 342 9.03 0.10 -6.58
CA TRP B 342 10.27 0.71 -6.13
C TRP B 342 10.88 1.63 -7.18
N GLY B 343 11.75 2.53 -6.74
CA GLY B 343 12.40 3.46 -7.66
C GLY B 343 13.90 3.54 -7.49
N TRP B 344 14.59 4.11 -8.47
CA TRP B 344 16.03 4.25 -8.39
C TRP B 344 16.50 5.61 -8.93
N ASP B 345 15.53 6.48 -9.23
CA ASP B 345 15.81 7.82 -9.74
C ASP B 345 16.63 8.63 -8.70
N PRO B 346 17.89 8.96 -9.06
CA PRO B 346 18.85 9.72 -8.23
C PRO B 346 18.37 11.05 -7.62
N LYS B 347 17.30 11.62 -8.17
CA LYS B 347 16.78 12.89 -7.66
C LYS B 347 15.53 12.70 -6.78
N LYS B 348 15.30 11.49 -6.30
CA LYS B 348 14.12 11.23 -5.47
C LYS B 348 14.30 10.18 -4.36
N VAL B 349 15.51 10.02 -3.84
CA VAL B 349 15.76 9.03 -2.78
C VAL B 349 15.41 9.59 -1.40
N PRO B 350 14.30 9.12 -0.82
CA PRO B 350 13.87 9.57 0.51
C PRO B 350 15.03 9.70 1.49
N SER B 351 15.02 10.79 2.25
CA SER B 351 16.05 11.08 3.24
C SER B 351 16.19 9.94 4.27
N ASP B 352 15.06 9.38 4.66
CA ASP B 352 15.02 8.29 5.62
C ASP B 352 15.42 6.96 4.97
N GLN B 353 15.68 6.98 3.67
CA GLN B 353 16.05 5.75 2.97
C GLN B 353 17.34 5.89 2.16
N LYS B 354 18.01 7.03 2.27
CA LYS B 354 19.25 7.28 1.55
C LYS B 354 20.23 6.12 1.78
N GLU B 355 20.48 5.77 3.03
CA GLU B 355 21.39 4.68 3.36
C GLU B 355 21.04 3.42 2.58
N PHE B 356 19.81 2.93 2.77
CA PHE B 356 19.28 1.74 2.10
C PHE B 356 19.66 1.74 0.61
N TYR B 357 19.12 2.72 -0.12
CA TYR B 357 19.40 2.86 -1.54
C TYR B 357 20.90 2.81 -1.83
N GLU B 358 21.65 3.65 -1.11
CA GLU B 358 23.09 3.73 -1.24
C GLU B 358 23.74 2.36 -1.38
N LYS B 359 23.26 1.38 -0.62
CA LYS B 359 23.84 0.06 -0.68
C LYS B 359 23.04 -0.97 -1.50
N ALA B 360 21.73 -1.03 -1.28
CA ALA B 360 20.85 -1.98 -1.98
C ALA B 360 20.62 -1.67 -3.45
N GLY B 361 20.58 -0.37 -3.79
CA GLY B 361 20.39 0.02 -5.18
C GLY B 361 19.08 0.66 -5.56
N PHE B 362 18.20 0.85 -4.59
CA PHE B 362 16.89 1.45 -4.86
C PHE B 362 16.17 1.80 -3.57
N TYR B 363 15.06 2.52 -3.70
CA TYR B 363 14.25 2.90 -2.55
C TYR B 363 12.83 2.36 -2.69
N ILE B 364 12.38 1.62 -1.67
CA ILE B 364 11.04 1.04 -1.67
C ILE B 364 9.95 2.12 -1.82
N SER B 365 8.99 1.86 -2.69
CA SER B 365 7.89 2.79 -2.95
C SER B 365 6.57 2.24 -2.37
N SER B 366 6.55 0.94 -2.14
CA SER B 366 5.41 0.25 -1.54
C SER B 366 5.93 -1.06 -0.97
N GLY B 367 5.71 -1.26 0.33
CA GLY B 367 6.20 -2.46 0.99
C GLY B 367 5.26 -3.65 1.04
N SER B 368 4.13 -3.57 0.36
CA SER B 368 3.15 -4.68 0.36
C SER B 368 3.53 -5.84 -0.54
N TYR B 369 3.04 -7.04 -0.20
CA TYR B 369 3.27 -8.26 -0.96
C TYR B 369 1.95 -9.02 -0.94
N VAL B 370 1.33 -9.17 -2.09
CA VAL B 370 0.01 -9.83 -2.15
C VAL B 370 0.05 -11.27 -2.71
N LEU B 371 1.03 -12.05 -2.23
CA LEU B 371 1.23 -13.44 -2.66
C LEU B 371 1.46 -13.52 -4.17
N ARG B 372 2.15 -12.54 -4.74
N ARG B 372 2.18 -12.55 -4.73
CA ARG B 372 2.41 -12.53 -6.18
CA ARG B 372 2.43 -12.52 -6.17
C ARG B 372 3.48 -13.53 -6.61
C ARG B 372 3.52 -13.50 -6.63
N PRO B 373 3.40 -14.02 -7.85
CA PRO B 373 4.31 -15.00 -8.45
C PRO B 373 5.39 -14.61 -9.45
N GLU B 374 5.32 -13.39 -10.01
CA GLU B 374 6.25 -12.95 -11.07
C GLU B 374 7.76 -13.11 -10.91
N VAL B 375 8.28 -12.82 -9.72
CA VAL B 375 9.73 -12.96 -9.55
C VAL B 375 10.18 -14.40 -9.52
N ILE B 376 9.47 -15.24 -8.77
CA ILE B 376 9.76 -16.68 -8.69
C ILE B 376 9.55 -17.29 -10.10
N GLU B 377 8.58 -16.75 -10.84
CA GLU B 377 8.32 -17.23 -12.19
C GLU B 377 9.58 -17.02 -13.04
N SER B 378 10.11 -15.80 -13.04
CA SER B 378 11.30 -15.52 -13.83
C SER B 378 12.56 -16.29 -13.36
N PHE B 379 12.65 -16.57 -12.06
CA PHE B 379 13.79 -17.33 -11.51
C PHE B 379 13.69 -18.75 -12.04
N TYR B 380 12.47 -19.25 -12.15
CA TYR B 380 12.21 -20.59 -12.64
C TYR B 380 12.68 -20.74 -14.09
N TYR B 381 12.29 -19.81 -14.96
CA TYR B 381 12.73 -19.89 -16.36
C TYR B 381 14.25 -19.77 -16.42
N ALA B 382 14.81 -18.94 -15.56
CA ALA B 382 16.26 -18.75 -15.54
C ALA B 382 16.98 -20.07 -15.27
N HIS B 383 16.35 -20.96 -14.52
CA HIS B 383 16.92 -22.25 -14.18
C HIS B 383 16.74 -23.34 -15.24
N ARG B 384 15.60 -23.32 -15.93
CA ARG B 384 15.33 -24.31 -16.96
C ARG B 384 16.16 -24.02 -18.21
N VAL B 385 16.48 -22.75 -18.44
CA VAL B 385 17.27 -22.34 -19.59
C VAL B 385 18.78 -22.44 -19.37
N THR B 386 19.31 -21.85 -18.30
CA THR B 386 20.75 -21.89 -18.04
C THR B 386 21.21 -23.15 -17.33
N GLY B 387 20.32 -23.77 -16.57
CA GLY B 387 20.71 -24.97 -15.85
C GLY B 387 21.49 -24.68 -14.58
N LYS B 388 21.92 -23.43 -14.42
CA LYS B 388 22.67 -23.02 -13.22
C LYS B 388 21.88 -23.25 -11.93
N GLU B 389 22.59 -23.68 -10.88
CA GLU B 389 21.96 -24.00 -9.61
C GLU B 389 21.52 -22.80 -8.75
N ILE B 390 22.23 -21.69 -8.89
CA ILE B 390 21.93 -20.50 -8.11
C ILE B 390 20.47 -20.08 -8.24
N TYR B 391 19.92 -20.26 -9.44
CA TYR B 391 18.53 -19.89 -9.70
C TYR B 391 17.52 -20.72 -8.93
N ARG B 392 17.77 -22.03 -8.81
CA ARG B 392 16.86 -22.88 -8.06
C ARG B 392 16.96 -22.57 -6.58
N ASP B 393 18.04 -21.89 -6.18
CA ASP B 393 18.25 -21.52 -4.78
C ASP B 393 17.43 -20.25 -4.50
N TRP B 394 17.47 -19.31 -5.44
CA TRP B 394 16.74 -18.07 -5.28
C TRP B 394 15.25 -18.31 -5.16
N VAL B 395 14.78 -19.43 -5.72
CA VAL B 395 13.37 -19.80 -5.65
C VAL B 395 13.08 -20.36 -4.26
N TRP B 396 14.01 -21.15 -3.74
CA TRP B 396 13.84 -21.78 -2.42
C TRP B 396 13.87 -20.74 -1.31
N ASN B 397 14.73 -19.74 -1.48
CA ASN B 397 14.87 -18.70 -0.49
C ASN B 397 13.64 -17.80 -0.49
N ALA B 398 12.98 -17.69 -1.64
CA ALA B 398 11.77 -16.88 -1.77
C ALA B 398 10.62 -17.65 -1.10
N PHE B 399 10.50 -18.92 -1.46
CA PHE B 399 9.45 -19.75 -0.91
C PHE B 399 9.50 -19.87 0.62
N VAL B 400 10.68 -20.04 1.18
CA VAL B 400 10.83 -20.16 2.64
C VAL B 400 10.42 -18.88 3.35
N ALA B 401 10.79 -17.74 2.78
CA ALA B 401 10.43 -16.44 3.35
C ALA B 401 8.91 -16.29 3.40
N ILE B 402 8.26 -16.62 2.29
CA ILE B 402 6.80 -16.53 2.22
C ILE B 402 6.15 -17.47 3.24
N ASN B 403 6.67 -18.69 3.34
CA ASN B 403 6.14 -19.68 4.27
C ASN B 403 6.30 -19.27 5.74
N SER B 404 7.28 -18.43 6.03
CA SER B 404 7.46 -18.02 7.42
C SER B 404 6.86 -16.65 7.73
N THR B 405 6.69 -15.80 6.72
CA THR B 405 6.13 -14.47 6.93
C THR B 405 4.61 -14.37 6.75
N CYS B 406 4.09 -15.04 5.72
CA CYS B 406 2.65 -15.00 5.38
C CYS B 406 1.72 -16.10 5.92
N ARG B 407 2.27 -17.19 6.44
CA ARG B 407 1.44 -18.31 6.89
C ARG B 407 0.55 -18.08 8.11
N THR B 408 -0.70 -18.55 8.03
CA THR B 408 -1.66 -18.46 9.15
C THR B 408 -2.11 -19.91 9.48
N ASP B 409 -3.07 -20.08 10.41
CA ASP B 409 -3.55 -21.41 10.79
C ASP B 409 -4.36 -22.11 9.70
N SER B 410 -4.98 -21.30 8.84
CA SER B 410 -5.81 -21.81 7.76
C SER B 410 -5.12 -21.76 6.38
N GLY B 411 -4.25 -20.79 6.17
CA GLY B 411 -3.58 -20.68 4.86
C GLY B 411 -2.41 -19.74 4.81
N PHE B 412 -2.44 -18.77 3.88
CA PHE B 412 -1.38 -17.77 3.69
C PHE B 412 -2.07 -16.41 3.42
N ALA B 413 -1.50 -15.33 3.96
CA ALA B 413 -2.07 -13.99 3.81
C ALA B 413 -1.08 -12.98 3.25
N ALA B 414 -1.60 -12.00 2.54
CA ALA B 414 -0.76 -10.92 2.00
C ALA B 414 -0.30 -10.12 3.22
N VAL B 415 0.78 -9.37 3.07
CA VAL B 415 1.32 -8.54 4.17
C VAL B 415 1.57 -7.10 3.75
N SER B 416 1.61 -6.21 4.75
CA SER B 416 1.78 -4.78 4.49
C SER B 416 3.20 -4.22 4.30
N ASP B 417 4.21 -4.82 4.92
CA ASP B 417 5.57 -4.27 4.81
C ASP B 417 6.65 -5.33 4.74
N VAL B 418 7.14 -5.60 3.54
CA VAL B 418 8.17 -6.61 3.38
C VAL B 418 9.47 -6.24 4.09
N ASN B 419 9.56 -5.02 4.61
CA ASN B 419 10.78 -4.63 5.29
C ASN B 419 10.51 -4.27 6.74
N LYS B 420 9.83 -5.18 7.43
CA LYS B 420 9.48 -5.04 8.85
C LYS B 420 9.27 -6.42 9.42
N ALA B 421 9.58 -6.60 10.70
CA ALA B 421 9.41 -7.90 11.34
C ALA B 421 8.06 -8.48 10.95
N ASN B 422 8.08 -9.75 10.61
CA ASN B 422 6.90 -10.49 10.21
C ASN B 422 6.01 -9.83 9.17
N GLY B 423 6.59 -8.97 8.35
CA GLY B 423 5.82 -8.32 7.30
C GLY B 423 4.91 -7.17 7.71
N GLY B 424 5.03 -6.70 8.95
CA GLY B 424 4.18 -5.61 9.39
C GLY B 424 2.83 -6.13 9.85
N SER B 425 1.79 -6.00 9.02
CA SER B 425 0.45 -6.52 9.35
C SER B 425 -0.07 -7.42 8.21
N LYS B 426 -0.77 -8.49 8.56
CA LYS B 426 -1.36 -9.38 7.56
C LYS B 426 -2.73 -8.83 7.09
N TYR B 427 -3.04 -9.04 5.81
CA TYR B 427 -4.30 -8.65 5.13
C TYR B 427 -5.17 -9.89 5.22
N ASP B 428 -6.49 -9.74 5.35
CA ASP B 428 -7.40 -10.88 5.37
C ASP B 428 -7.74 -11.19 3.89
N ASN B 429 -6.72 -11.61 3.14
CA ASN B 429 -6.81 -11.90 1.70
C ASN B 429 -5.86 -13.02 1.23
N GLN B 430 -6.39 -13.98 0.46
CA GLN B 430 -5.58 -15.07 -0.15
C GLN B 430 -6.10 -15.27 -1.59
N GLU B 431 -5.47 -14.59 -2.56
CA GLU B 431 -5.89 -14.69 -3.95
C GLU B 431 -5.68 -16.08 -4.48
N SER B 432 -6.54 -16.49 -5.42
CA SER B 432 -6.46 -17.81 -6.00
C SER B 432 -5.12 -18.12 -6.66
N PHE B 433 -4.40 -17.09 -7.13
CA PHE B 433 -3.09 -17.38 -7.73
C PHE B 433 -2.03 -17.92 -6.78
N LEU B 434 -2.39 -18.04 -5.50
CA LEU B 434 -1.50 -18.63 -4.48
C LEU B 434 -1.43 -20.12 -4.88
N PHE B 435 -2.58 -20.70 -5.19
CA PHE B 435 -2.66 -22.12 -5.58
C PHE B 435 -2.14 -22.38 -6.99
N ALA B 436 -2.56 -21.53 -7.92
CA ALA B 436 -2.16 -21.68 -9.32
C ALA B 436 -0.71 -21.36 -9.64
N GLU B 437 -0.17 -20.27 -9.08
CA GLU B 437 1.18 -19.86 -9.44
C GLU B 437 2.32 -19.99 -8.44
N VAL B 438 2.18 -19.42 -7.25
CA VAL B 438 3.25 -19.51 -6.26
C VAL B 438 3.62 -20.95 -5.93
N MET B 439 2.59 -21.75 -5.65
CA MET B 439 2.82 -23.15 -5.32
C MET B 439 3.37 -23.98 -6.48
N LYS B 440 2.88 -23.74 -7.69
CA LYS B 440 3.37 -24.50 -8.84
C LYS B 440 4.82 -24.21 -9.19
N TYR B 441 5.16 -22.94 -9.40
CA TYR B 441 6.51 -22.58 -9.78
C TYR B 441 7.55 -22.97 -8.73
N SER B 442 7.16 -22.87 -7.47
CA SER B 442 8.08 -23.22 -6.39
C SER B 442 8.36 -24.74 -6.44
N TYR B 443 7.31 -25.51 -6.73
CA TYR B 443 7.42 -26.95 -6.83
C TYR B 443 8.18 -27.43 -8.09
N LEU B 444 7.82 -26.89 -9.25
CA LEU B 444 8.47 -27.28 -10.50
C LEU B 444 9.97 -27.10 -10.48
N ALA B 445 10.45 -26.09 -9.75
CA ALA B 445 11.88 -25.85 -9.67
C ALA B 445 12.56 -26.94 -8.85
N HIS B 446 11.78 -27.85 -8.27
CA HIS B 446 12.34 -28.91 -7.44
C HIS B 446 11.85 -30.29 -7.77
N SER B 447 10.78 -30.39 -8.55
CA SER B 447 10.24 -31.68 -8.93
C SER B 447 11.06 -32.25 -10.08
N GLU B 448 10.69 -33.43 -10.57
CA GLU B 448 11.42 -34.05 -11.65
C GLU B 448 11.04 -33.58 -13.05
N ASP B 449 11.95 -33.75 -14.00
CA ASP B 449 11.69 -33.33 -15.37
C ASP B 449 10.43 -34.05 -15.85
N ALA B 450 9.75 -33.45 -16.82
CA ALA B 450 8.53 -34.02 -17.37
C ALA B 450 8.06 -33.13 -18.52
N ALA B 451 7.03 -33.59 -19.23
CA ALA B 451 6.48 -32.85 -20.36
C ALA B 451 6.00 -31.45 -19.97
N TRP B 452 5.40 -31.33 -18.79
CA TRP B 452 4.87 -30.05 -18.34
C TRP B 452 5.89 -28.98 -17.93
N GLN B 453 7.17 -29.34 -17.82
CA GLN B 453 8.23 -28.41 -17.47
C GLN B 453 8.57 -27.56 -18.70
N VAL B 454 9.00 -26.32 -18.48
CA VAL B 454 9.41 -25.45 -19.58
C VAL B 454 10.73 -26.04 -20.09
N GLN B 455 11.00 -25.94 -21.39
CA GLN B 455 12.21 -26.51 -21.98
C GLN B 455 13.06 -25.56 -22.82
N LYS B 456 14.21 -26.04 -23.28
CA LYS B 456 15.14 -25.27 -24.10
C LYS B 456 14.87 -25.44 -25.60
N GLY B 457 15.32 -24.46 -26.39
CA GLY B 457 15.17 -24.53 -27.83
C GLY B 457 13.79 -24.82 -28.40
N GLY B 458 13.68 -25.90 -29.17
CA GLY B 458 12.40 -26.25 -29.77
C GLY B 458 11.77 -27.44 -29.07
N LYS B 459 12.21 -27.68 -27.84
CA LYS B 459 11.73 -28.82 -27.06
C LYS B 459 10.33 -28.72 -26.43
N ASN B 460 9.80 -27.50 -26.24
CA ASN B 460 8.48 -27.34 -25.61
C ASN B 460 7.24 -28.01 -26.21
N THR B 461 6.55 -28.82 -25.40
CA THR B 461 5.30 -29.44 -25.82
C THR B 461 4.16 -28.75 -25.05
N PHE B 462 4.53 -27.96 -24.05
CA PHE B 462 3.56 -27.20 -23.26
C PHE B 462 3.94 -25.72 -23.20
N VAL B 463 2.93 -24.85 -23.13
CA VAL B 463 3.16 -23.41 -23.01
C VAL B 463 2.26 -22.85 -21.89
N TYR B 464 2.88 -22.18 -20.93
CA TYR B 464 2.14 -21.62 -19.79
C TYR B 464 1.38 -20.34 -20.11
N ASN B 465 0.11 -20.27 -19.68
CA ASN B 465 -0.71 -19.05 -19.84
C ASN B 465 -0.22 -18.11 -18.73
N THR B 466 -0.82 -16.92 -18.59
CA THR B 466 -0.34 -15.94 -17.61
C THR B 466 -0.70 -16.19 -16.13
N GLU B 467 -1.47 -17.24 -15.87
CA GLU B 467 -1.87 -17.64 -14.53
C GLU B 467 -1.16 -18.97 -14.25
N ALA B 468 -0.09 -19.24 -15.00
CA ALA B 468 0.70 -20.47 -14.84
C ALA B 468 -0.03 -21.80 -15.11
N HIS B 469 -0.99 -21.76 -16.03
CA HIS B 469 -1.73 -22.96 -16.41
C HIS B 469 -1.12 -23.44 -17.74
N PRO B 470 -0.33 -24.51 -17.69
CA PRO B 470 0.27 -25.05 -18.92
C PRO B 470 -0.74 -25.65 -19.91
N ILE B 471 -0.70 -25.14 -21.14
CA ILE B 471 -1.56 -25.55 -22.25
C ILE B 471 -0.77 -26.40 -23.26
N SER B 472 -1.41 -27.40 -23.87
CA SER B 472 -0.72 -28.26 -24.87
C SER B 472 -0.48 -27.51 -26.18
N VAL B 473 0.71 -27.64 -26.76
CA VAL B 473 1.01 -26.97 -28.03
C VAL B 473 0.16 -27.56 -29.15
N ALA B 474 -0.03 -26.82 -30.23
CA ALA B 474 -0.86 -27.26 -31.35
C ALA B 474 -0.41 -28.50 -32.14
N ARG B 475 -1.36 -29.06 -32.89
CA ARG B 475 -1.17 -30.24 -33.72
C ARG B 475 -0.87 -31.47 -32.87
#